data_5MAA
#
_entry.id   5MAA
#
_cell.length_a   73.835
_cell.length_b   73.835
_cell.length_c   185.360
_cell.angle_alpha   90.00
_cell.angle_beta   90.00
_cell.angle_gamma   90.00
#
_symmetry.space_group_name_H-M   'P 41'
#
loop_
_entity.id
_entity.type
_entity.pdbx_description
1 polymer 'Tetrachloroethene reductive dehalogenase catalytic subunit PceA'
2 non-polymer 'IRON/SULFUR CLUSTER'
3 non-polymer 5-Methoxybenzimidazolyl-norcobamide
4 non-polymer BENZAMIDINE
5 non-polymer GLYCEROL
6 non-polymer 3-bromophenol
7 water water
#
_entity_poly.entity_id   1
_entity_poly.type   'polypeptide(L)'
_entity_poly.pdbx_seq_one_letter_code
;AEKEKNAAEIRQQFAMTAGSPIIVNDKLERYAEVRTAFTHPTSFFKPNYKGEVKPWFLSAYDEKVRQIENGENGPKMKAK
NVGEARAGRALEAAGWTLDINYGNIYPNRFFMLWSGETMTNTQLWAPVGLDRRPPDTTDPVELTNYVKFAARMAGADLVG
VARLNRNWVYSEAVTIPADVPYEQSLHKEIEKPIVFKDVPLPIETDDELIIPNTCENVIVAGIAMNREMMQTAPNSMACA
TTAFCYSRMCMFDMWLCQFIRYMGYYAIPSCNGVGQSVAFAVEAGLGQASRMGACITPEFGPNVRLTKVFTNMPLVPDKP
IDFGVTEFCETCKKCARECPSKAITEGPRTFEGRSIHNQSGKLQWQNDYNKCLGYWPESGGYCGVCVAVCPFTKGNIWIH
DGVEWLIDNTRFLDPLMLGMDDALGYGAKRNITEVWDGKINTYGLDADHFRDTVSFRKDRVKKS
;
_entity_poly.pdbx_strand_id   A,B
#
# COMPACT_ATOMS: atom_id res chain seq x y z
N ALA A 1 -27.76 22.50 17.91
CA ALA A 1 -26.83 22.30 16.80
C ALA A 1 -26.17 20.93 16.87
N GLU A 2 -25.86 20.37 15.71
CA GLU A 2 -25.30 19.03 15.66
C GLU A 2 -23.86 19.03 16.17
N LYS A 3 -23.56 18.16 17.12
CA LYS A 3 -22.20 18.07 17.63
C LYS A 3 -21.31 17.39 16.60
N GLU A 4 -20.19 18.04 16.29
CA GLU A 4 -19.23 17.49 15.34
C GLU A 4 -18.76 16.11 15.80
N LYS A 5 -18.82 15.14 14.89
CA LYS A 5 -18.45 13.78 15.22
C LYS A 5 -17.02 13.73 15.77
N ASN A 6 -16.86 12.97 16.86
CA ASN A 6 -15.56 12.82 17.52
C ASN A 6 -15.35 11.33 17.74
N ALA A 7 -14.60 10.69 16.84
CA ALA A 7 -14.41 9.25 16.94
C ALA A 7 -13.59 8.88 18.17
N ALA A 8 -12.65 9.74 18.57
CA ALA A 8 -11.85 9.44 19.75
C ALA A 8 -12.71 9.45 21.01
N GLU A 9 -13.63 10.41 21.09
CA GLU A 9 -14.54 10.51 22.23
C GLU A 9 -15.45 9.30 22.30
N ILE A 10 -15.93 8.84 21.14
CA ILE A 10 -16.74 7.64 21.07
C ILE A 10 -15.97 6.46 21.65
N ARG A 11 -14.71 6.28 21.23
CA ARG A 11 -13.93 5.16 21.74
C ARG A 11 -13.69 5.28 23.23
N GLN A 12 -13.46 6.50 23.73
CA GLN A 12 -13.25 6.64 25.16
C GLN A 12 -14.51 6.33 25.95
N GLN A 13 -15.68 6.71 25.41
CA GLN A 13 -16.94 6.49 26.11
C GLN A 13 -17.22 5.00 26.32
N PHE A 14 -16.84 4.17 25.36
CA PHE A 14 -17.20 2.76 25.36
C PHE A 14 -16.06 1.84 25.77
N ALA A 15 -14.93 2.40 26.22
CA ALA A 15 -13.81 1.60 26.68
C ALA A 15 -14.19 0.75 27.89
N MET A 16 -13.73 -0.49 27.89
N MET A 16 -13.70 -0.48 27.92
CA MET A 16 -13.91 -1.44 28.99
CA MET A 16 -13.95 -1.36 29.05
C MET A 16 -12.69 -1.40 29.93
C MET A 16 -12.67 -1.56 29.86
N THR A 17 -12.83 -2.07 31.08
CA THR A 17 -11.65 -2.35 31.88
C THR A 17 -10.89 -3.52 31.27
N ALA A 18 -9.66 -3.70 31.73
CA ALA A 18 -8.78 -4.69 31.12
C ALA A 18 -9.34 -6.10 31.28
N GLY A 19 -9.08 -6.94 30.29
CA GLY A 19 -9.47 -8.34 30.35
C GLY A 19 -10.05 -8.83 29.02
N SER A 20 -9.63 -10.00 28.57
CA SER A 20 -10.14 -10.51 27.30
C SER A 20 -11.66 -10.64 27.40
N PRO A 21 -12.42 -10.05 26.47
CA PRO A 21 -13.89 -10.15 26.56
C PRO A 21 -14.44 -11.50 26.11
N ILE A 22 -13.63 -12.36 25.51
CA ILE A 22 -14.14 -13.59 24.93
C ILE A 22 -14.35 -14.61 26.04
N ILE A 23 -15.56 -15.15 26.10
CA ILE A 23 -15.93 -16.09 27.15
C ILE A 23 -15.64 -17.50 26.67
N VAL A 24 -14.88 -18.27 27.45
CA VAL A 24 -14.47 -19.60 27.03
C VAL A 24 -14.84 -20.61 28.09
N ASN A 25 -14.81 -21.89 27.71
CA ASN A 25 -14.95 -22.94 28.70
C ASN A 25 -13.84 -23.97 28.54
N ASP A 26 -13.97 -25.10 29.23
CA ASP A 26 -12.86 -26.05 29.35
C ASP A 26 -12.62 -26.86 28.09
N LYS A 27 -13.58 -26.92 27.16
CA LYS A 27 -13.36 -27.74 25.97
C LYS A 27 -12.57 -27.00 24.90
N LEU A 28 -12.20 -25.74 25.14
CA LEU A 28 -11.49 -24.97 24.13
C LEU A 28 -10.08 -25.52 23.92
N GLU A 29 -9.73 -25.76 22.65
CA GLU A 29 -8.38 -26.15 22.28
C GLU A 29 -7.97 -25.36 21.06
N ARG A 30 -6.66 -25.23 20.86
CA ARG A 30 -6.23 -24.49 19.69
C ARG A 30 -6.68 -25.23 18.43
N TYR A 31 -6.86 -24.45 17.37
CA TYR A 31 -7.59 -24.87 16.17
C TYR A 31 -6.60 -25.08 15.03
N ALA A 32 -6.67 -26.24 14.38
CA ALA A 32 -5.77 -26.52 13.25
C ALA A 32 -6.27 -25.80 12.00
N GLU A 33 -5.40 -25.01 11.38
CA GLU A 33 -5.81 -24.14 10.29
C GLU A 33 -6.42 -24.91 9.12
N VAL A 34 -6.02 -26.16 8.92
CA VAL A 34 -6.58 -26.97 7.83
C VAL A 34 -8.09 -27.12 7.95
N ARG A 35 -8.66 -26.85 9.12
CA ARG A 35 -10.09 -27.02 9.32
C ARG A 35 -10.92 -25.92 8.69
N THR A 36 -10.31 -24.81 8.25
CA THR A 36 -11.13 -23.75 7.65
C THR A 36 -11.78 -24.27 6.36
N ALA A 37 -12.91 -23.66 5.99
CA ALA A 37 -13.62 -24.16 4.82
C ALA A 37 -12.78 -24.03 3.55
N PHE A 38 -11.88 -23.05 3.52
CA PHE A 38 -11.02 -22.86 2.35
C PHE A 38 -10.12 -24.06 2.09
N THR A 39 -9.74 -24.79 3.14
CA THR A 39 -8.70 -25.78 3.03
C THR A 39 -9.14 -27.19 3.35
N HIS A 40 -10.21 -27.36 4.11
CA HIS A 40 -10.55 -28.70 4.56
C HIS A 40 -11.09 -29.55 3.41
N PRO A 41 -10.73 -30.84 3.34
CA PRO A 41 -11.22 -31.67 2.24
C PRO A 41 -12.74 -31.74 2.14
N THR A 42 -13.47 -31.60 3.24
CA THR A 42 -14.92 -31.72 3.17
C THR A 42 -15.56 -30.53 2.46
N SER A 43 -14.86 -29.41 2.40
CA SER A 43 -15.42 -28.17 1.88
C SER A 43 -14.66 -27.64 0.68
N PHE A 44 -13.47 -28.15 0.41
CA PHE A 44 -12.58 -27.58 -0.59
C PHE A 44 -13.13 -27.72 -2.00
N PHE A 45 -13.85 -28.79 -2.28
CA PHE A 45 -14.34 -29.09 -3.62
C PHE A 45 -15.78 -28.64 -3.77
N LYS A 46 -16.06 -27.93 -4.84
CA LYS A 46 -17.40 -27.44 -5.14
C LYS A 46 -17.70 -27.62 -6.61
N PRO A 47 -18.94 -27.90 -6.97
CA PRO A 47 -19.30 -28.00 -8.38
C PRO A 47 -19.27 -26.63 -9.05
N ASN A 48 -18.93 -26.63 -10.33
CA ASN A 48 -19.11 -25.42 -11.13
C ASN A 48 -20.52 -25.43 -11.73
N TYR A 49 -20.82 -24.44 -12.58
CA TYR A 49 -22.18 -24.33 -13.09
C TYR A 49 -22.54 -25.45 -14.06
N LYS A 50 -21.58 -26.26 -14.48
CA LYS A 50 -21.85 -27.44 -15.29
C LYS A 50 -21.94 -28.71 -14.45
N GLY A 51 -21.85 -28.59 -13.12
CA GLY A 51 -21.84 -29.75 -12.25
C GLY A 51 -20.51 -30.45 -12.11
N GLU A 52 -19.43 -29.93 -12.70
CA GLU A 52 -18.11 -30.52 -12.53
C GLU A 52 -17.54 -30.14 -11.17
N VAL A 53 -17.02 -31.12 -10.44
CA VAL A 53 -16.50 -30.89 -9.09
C VAL A 53 -15.03 -30.51 -9.18
N LYS A 54 -14.69 -29.35 -8.62
CA LYS A 54 -13.36 -28.78 -8.73
C LYS A 54 -12.97 -28.11 -7.42
N PRO A 55 -11.69 -27.80 -7.20
CA PRO A 55 -11.36 -26.84 -6.14
C PRO A 55 -12.24 -25.61 -6.26
N TRP A 56 -12.74 -25.15 -5.10
CA TRP A 56 -13.78 -24.13 -5.12
C TRP A 56 -13.39 -22.91 -5.95
N PHE A 57 -12.11 -22.49 -5.89
CA PHE A 57 -11.77 -21.26 -6.59
C PHE A 57 -11.70 -21.45 -8.09
N LEU A 58 -11.43 -22.68 -8.55
CA LEU A 58 -11.48 -22.95 -9.98
C LEU A 58 -12.92 -22.97 -10.48
N SER A 59 -13.85 -23.52 -9.68
CA SER A 59 -15.26 -23.42 -10.04
C SER A 59 -15.72 -21.97 -10.07
N ALA A 60 -15.23 -21.15 -9.14
CA ALA A 60 -15.56 -19.73 -9.16
C ALA A 60 -14.99 -19.05 -10.41
N TYR A 61 -13.76 -19.42 -10.81
CA TYR A 61 -13.19 -18.90 -12.05
C TYR A 61 -14.11 -19.17 -13.23
N ASP A 62 -14.64 -20.40 -13.31
CA ASP A 62 -15.51 -20.76 -14.43
C ASP A 62 -16.70 -19.83 -14.49
N GLU A 63 -17.22 -19.44 -13.32
CA GLU A 63 -18.38 -18.54 -13.26
C GLU A 63 -17.99 -17.12 -13.65
N LYS A 64 -16.80 -16.64 -13.24
CA LYS A 64 -16.36 -15.32 -13.69
C LYS A 64 -16.28 -15.27 -15.21
N VAL A 65 -15.69 -16.31 -15.80
CA VAL A 65 -15.56 -16.37 -17.25
C VAL A 65 -16.92 -16.34 -17.91
N ARG A 66 -17.86 -17.15 -17.40
CA ARG A 66 -19.20 -17.19 -17.95
C ARG A 66 -19.88 -15.82 -17.86
N GLN A 67 -19.70 -15.12 -16.73
CA GLN A 67 -20.35 -13.82 -16.56
C GLN A 67 -19.79 -12.80 -17.54
N ILE A 68 -18.46 -12.76 -17.72
CA ILE A 68 -17.89 -11.80 -18.66
C ILE A 68 -18.43 -12.05 -20.06
N GLU A 69 -18.44 -13.31 -20.48
CA GLU A 69 -18.93 -13.65 -21.82
C GLU A 69 -20.38 -13.23 -21.98
N ASN A 70 -21.17 -13.31 -20.91
CA ASN A 70 -22.58 -12.95 -20.95
C ASN A 70 -22.85 -11.52 -20.51
N GLY A 71 -21.81 -10.70 -20.35
CA GLY A 71 -21.99 -9.31 -19.96
C GLY A 71 -22.67 -9.12 -18.61
N GLU A 72 -22.23 -9.85 -17.60
CA GLU A 72 -22.79 -9.78 -16.26
C GLU A 72 -21.70 -9.38 -15.27
N ASN A 73 -22.10 -8.61 -14.25
CA ASN A 73 -21.21 -8.23 -13.15
C ASN A 73 -21.36 -9.13 -11.93
N GLY A 74 -22.31 -10.06 -11.95
CA GLY A 74 -22.56 -10.96 -10.86
C GLY A 74 -23.69 -11.89 -11.22
N PRO A 75 -24.16 -12.71 -10.28
CA PRO A 75 -25.20 -13.70 -10.60
C PRO A 75 -26.53 -13.02 -10.92
N LYS A 76 -27.02 -13.27 -12.14
CA LYS A 76 -28.26 -12.66 -12.63
C LYS A 76 -28.21 -11.13 -12.54
N MET A 77 -27.02 -10.55 -12.65
CA MET A 77 -26.85 -9.11 -12.63
C MET A 77 -26.18 -8.68 -13.93
N LYS A 78 -26.97 -8.15 -14.85
CA LYS A 78 -26.42 -7.71 -16.13
C LYS A 78 -25.57 -6.48 -15.96
N ALA A 79 -24.43 -6.46 -16.66
CA ALA A 79 -23.57 -5.29 -16.75
C ALA A 79 -24.09 -4.35 -17.83
N LYS A 80 -23.51 -3.14 -17.87
CA LYS A 80 -23.82 -2.23 -18.97
C LYS A 80 -23.47 -2.87 -20.31
N ASN A 81 -22.37 -3.61 -20.37
CA ASN A 81 -21.92 -4.32 -21.57
C ASN A 81 -20.80 -5.27 -21.15
N VAL A 82 -20.27 -6.00 -22.13
CA VAL A 82 -19.21 -6.95 -21.83
C VAL A 82 -17.97 -6.23 -21.32
N GLY A 83 -17.64 -5.08 -21.90
CA GLY A 83 -16.46 -4.34 -21.46
C GLY A 83 -16.51 -3.98 -19.99
N GLU A 84 -17.68 -3.59 -19.50
CA GLU A 84 -17.82 -3.30 -18.07
C GLU A 84 -17.65 -4.56 -17.24
N ALA A 85 -18.27 -5.67 -17.64
CA ALA A 85 -18.06 -6.94 -16.95
C ALA A 85 -16.57 -7.28 -16.91
N ARG A 86 -15.89 -7.17 -18.05
CA ARG A 86 -14.45 -7.40 -18.11
C ARG A 86 -13.69 -6.50 -17.15
N ALA A 87 -14.05 -5.22 -17.09
CA ALA A 87 -13.27 -4.28 -16.27
C ALA A 87 -13.36 -4.63 -14.80
N GLY A 88 -14.54 -5.06 -14.33
CA GLY A 88 -14.69 -5.40 -12.93
C GLY A 88 -13.81 -6.57 -12.53
N ARG A 89 -13.71 -7.58 -13.40
CA ARG A 89 -12.86 -8.72 -13.07
C ARG A 89 -11.38 -8.39 -13.25
N ALA A 90 -11.04 -7.50 -14.19
CA ALA A 90 -9.65 -7.05 -14.29
C ALA A 90 -9.23 -6.30 -13.03
N LEU A 91 -10.12 -5.46 -12.49
CA LEU A 91 -9.81 -4.74 -11.26
C LEU A 91 -9.64 -5.70 -10.09
N GLU A 92 -10.58 -6.64 -9.93
CA GLU A 92 -10.47 -7.67 -8.91
C GLU A 92 -9.15 -8.43 -8.99
N ALA A 93 -8.84 -8.96 -10.18
CA ALA A 93 -7.63 -9.76 -10.33
C ALA A 93 -6.39 -8.94 -9.99
N ALA A 94 -6.33 -7.69 -10.48
CA ALA A 94 -5.18 -6.85 -10.20
C ALA A 94 -5.03 -6.58 -8.70
N GLY A 95 -6.16 -6.48 -7.98
CA GLY A 95 -6.09 -6.13 -6.57
C GLY A 95 -5.22 -7.08 -5.77
N TRP A 96 -5.21 -8.36 -6.15
CA TRP A 96 -4.48 -9.42 -5.45
C TRP A 96 -2.98 -9.44 -5.72
N THR A 97 -2.43 -8.43 -6.41
CA THR A 97 -1.04 -8.52 -6.88
C THR A 97 -0.04 -8.90 -5.78
N LEU A 98 -0.20 -8.36 -4.58
CA LEU A 98 0.77 -8.62 -3.50
C LEU A 98 0.27 -9.65 -2.50
N ASP A 99 -0.44 -10.68 -2.96
CA ASP A 99 -1.02 -11.67 -2.07
C ASP A 99 -0.83 -13.05 -2.71
N ILE A 100 -0.40 -14.02 -1.91
CA ILE A 100 -0.13 -15.37 -2.40
C ILE A 100 -1.32 -16.27 -2.09
N ASN A 101 -1.90 -16.86 -3.13
CA ASN A 101 -2.90 -17.92 -3.00
C ASN A 101 -4.03 -17.55 -2.06
N TYR A 102 -4.51 -16.31 -2.18
CA TYR A 102 -5.72 -15.85 -1.49
C TYR A 102 -5.53 -15.86 0.03
N GLY A 103 -4.61 -15.01 0.49
CA GLY A 103 -4.55 -14.73 1.91
C GLY A 103 -3.19 -14.73 2.56
N ASN A 104 -2.14 -15.10 1.83
CA ASN A 104 -0.78 -15.13 2.38
C ASN A 104 -0.67 -16.04 3.61
N ILE A 105 -1.33 -17.21 3.59
CA ILE A 105 -1.41 -17.94 4.85
C ILE A 105 -0.15 -18.75 5.17
N TYR A 106 0.65 -19.14 4.18
CA TYR A 106 1.84 -19.95 4.49
C TYR A 106 2.83 -19.15 5.32
N PRO A 107 3.09 -19.55 6.57
CA PRO A 107 4.02 -18.77 7.40
C PRO A 107 5.45 -18.93 6.93
N ASN A 108 6.21 -17.82 6.99
CA ASN A 108 7.64 -17.85 6.67
C ASN A 108 7.88 -18.29 5.22
N ARG A 109 6.96 -17.95 4.33
CA ARG A 109 7.12 -18.17 2.90
C ARG A 109 6.80 -16.88 2.19
N PHE A 110 7.46 -16.67 1.05
CA PHE A 110 7.13 -15.58 0.12
C PHE A 110 7.21 -14.23 0.81
N PHE A 111 6.08 -13.54 0.99
CA PHE A 111 6.10 -12.24 1.65
C PHE A 111 6.09 -12.35 3.17
N MET A 112 5.67 -13.48 3.74
CA MET A 112 5.48 -13.58 5.19
C MET A 112 6.72 -14.12 5.90
N LEU A 113 7.88 -13.54 5.62
CA LEU A 113 9.10 -14.05 6.24
C LEU A 113 9.16 -13.70 7.73
N TRP A 114 9.55 -14.68 8.53
CA TRP A 114 9.65 -14.49 9.98
C TRP A 114 10.92 -13.80 10.40
N SER A 115 11.88 -13.70 9.50
CA SER A 115 13.08 -12.92 9.69
C SER A 115 13.24 -11.99 8.50
N GLY A 116 13.78 -10.80 8.76
CA GLY A 116 14.08 -9.92 7.64
C GLY A 116 15.40 -10.15 6.95
N GLU A 117 16.20 -11.13 7.41
CA GLU A 117 17.61 -11.19 7.02
C GLU A 117 17.80 -11.28 5.51
N THR A 118 16.93 -12.03 4.81
CA THR A 118 17.14 -12.23 3.38
C THR A 118 16.50 -11.16 2.50
N MET A 119 15.73 -10.24 3.08
CA MET A 119 15.01 -9.29 2.27
C MET A 119 15.97 -8.30 1.63
N THR A 120 15.63 -7.87 0.41
CA THR A 120 16.50 -6.94 -0.31
C THR A 120 16.68 -5.64 0.49
N ASN A 121 15.63 -5.17 1.15
CA ASN A 121 15.72 -3.94 1.94
C ASN A 121 16.71 -4.11 3.09
N THR A 122 16.62 -5.25 3.80
CA THR A 122 17.54 -5.51 4.91
C THR A 122 18.98 -5.56 4.42
N GLN A 123 19.23 -6.25 3.30
CA GLN A 123 20.57 -6.30 2.76
C GLN A 123 21.10 -4.92 2.39
N LEU A 124 20.25 -4.10 1.78
CA LEU A 124 20.68 -2.75 1.36
C LEU A 124 21.08 -1.90 2.55
N TRP A 125 20.36 -2.05 3.66
CA TRP A 125 20.56 -1.24 4.87
C TRP A 125 21.51 -1.87 5.86
N ALA A 126 22.03 -3.06 5.57
CA ALA A 126 22.89 -3.76 6.52
C ALA A 126 24.03 -2.91 7.10
N PRO A 127 24.70 -2.03 6.35
CA PRO A 127 25.81 -1.26 6.95
C PRO A 127 25.38 -0.38 8.13
N VAL A 128 24.11 0.01 8.20
CA VAL A 128 23.71 0.84 9.33
C VAL A 128 23.55 -0.01 10.59
N GLY A 129 23.27 -1.30 10.43
CA GLY A 129 23.20 -2.21 11.56
C GLY A 129 21.97 -2.09 12.42
N LEU A 130 20.87 -1.54 11.88
CA LEU A 130 19.68 -1.32 12.72
C LEU A 130 19.09 -2.63 13.21
N ASP A 131 19.20 -3.70 12.42
CA ASP A 131 18.65 -4.97 12.85
C ASP A 131 19.59 -5.74 13.78
N ARG A 132 20.83 -5.27 13.97
CA ARG A 132 21.79 -5.89 14.86
C ARG A 132 22.00 -5.14 16.16
N ARG A 133 21.75 -3.85 16.19
CA ARG A 133 21.99 -3.00 17.34
C ARG A 133 20.91 -3.25 18.39
N PRO A 134 21.28 -3.44 19.66
CA PRO A 134 20.26 -3.65 20.70
C PRO A 134 19.31 -2.48 20.75
N PRO A 135 18.07 -2.72 21.20
CA PRO A 135 17.09 -1.62 21.25
C PRO A 135 17.63 -0.44 22.05
N ASP A 136 17.34 0.77 21.55
CA ASP A 136 17.62 1.99 22.30
C ASP A 136 16.44 2.44 23.14
N THR A 137 15.26 1.86 22.91
CA THR A 137 14.06 2.16 23.68
C THR A 137 13.47 0.85 24.18
N THR A 138 13.27 0.75 25.49
CA THR A 138 12.58 -0.38 26.09
C THR A 138 11.30 0.02 26.81
N ASP A 139 11.04 1.33 26.94
CA ASP A 139 9.84 1.86 27.58
C ASP A 139 8.61 1.51 26.76
N PRO A 140 7.68 0.69 27.28
CA PRO A 140 6.51 0.32 26.47
C PRO A 140 5.66 1.51 26.06
N VAL A 141 5.64 2.58 26.85
CA VAL A 141 4.82 3.75 26.51
C VAL A 141 5.34 4.40 25.24
N GLU A 142 6.65 4.71 25.19
CA GLU A 142 7.23 5.30 23.99
C GLU A 142 7.16 4.35 22.80
N LEU A 143 7.39 3.05 23.04
CA LEU A 143 7.36 2.09 21.94
C LEU A 143 5.97 2.00 21.32
N THR A 144 4.93 2.06 22.16
CA THR A 144 3.57 2.00 21.63
C THR A 144 3.29 3.21 20.75
N ASN A 145 3.72 4.40 21.16
CA ASN A 145 3.53 5.58 20.32
C ASN A 145 4.30 5.45 19.01
N TYR A 146 5.57 5.01 19.07
CA TYR A 146 6.37 4.89 17.86
C TYR A 146 5.76 3.86 16.91
N VAL A 147 5.39 2.69 17.44
CA VAL A 147 4.95 1.62 16.55
C VAL A 147 3.57 1.94 15.97
N LYS A 148 2.72 2.65 16.72
CA LYS A 148 1.42 2.99 16.16
C LYS A 148 1.55 4.08 15.08
N PHE A 149 2.43 5.05 15.29
CA PHE A 149 2.70 6.04 14.24
C PHE A 149 3.19 5.33 12.97
N ALA A 150 4.14 4.42 13.13
CA ALA A 150 4.61 3.64 11.98
C ALA A 150 3.46 2.85 11.34
N ALA A 151 2.58 2.27 12.15
CA ALA A 151 1.46 1.51 11.61
C ALA A 151 0.57 2.37 10.72
N ARG A 152 0.33 3.63 11.13
CA ARG A 152 -0.49 4.49 10.30
C ARG A 152 0.22 4.83 8.99
N MET A 153 1.53 5.14 9.06
CA MET A 153 2.31 5.28 7.81
C MET A 153 2.18 4.07 6.92
N ALA A 154 2.10 2.88 7.52
CA ALA A 154 2.12 1.64 6.76
C ALA A 154 0.73 1.24 6.26
N GLY A 155 -0.27 2.10 6.41
CA GLY A 155 -1.55 1.89 5.76
C GLY A 155 -2.66 1.39 6.64
N ALA A 156 -2.45 1.28 7.94
CA ALA A 156 -3.53 0.92 8.85
C ALA A 156 -4.47 2.10 9.04
N ASP A 157 -5.76 1.85 8.94
CA ASP A 157 -6.77 2.83 9.33
C ASP A 157 -7.09 2.75 10.81
N LEU A 158 -6.95 1.57 11.42
CA LEU A 158 -7.09 1.34 12.86
C LEU A 158 -5.90 0.52 13.32
N VAL A 159 -5.38 0.78 14.51
CA VAL A 159 -4.34 -0.09 15.07
C VAL A 159 -4.57 -0.24 16.55
N GLY A 160 -4.36 -1.46 17.06
CA GLY A 160 -4.49 -1.73 18.48
C GLY A 160 -3.48 -2.76 18.89
N VAL A 161 -3.25 -2.84 20.21
CA VAL A 161 -2.29 -3.77 20.79
C VAL A 161 -3.00 -4.65 21.83
N ALA A 162 -2.68 -5.94 21.82
CA ALA A 162 -3.12 -6.84 22.88
C ALA A 162 -1.96 -7.73 23.29
N ARG A 163 -2.02 -8.22 24.54
CA ARG A 163 -1.22 -9.40 24.87
C ARG A 163 -1.66 -10.55 23.96
N LEU A 164 -0.69 -11.35 23.53
CA LEU A 164 -0.99 -12.48 22.67
C LEU A 164 -1.70 -13.57 23.47
N ASN A 165 -2.93 -13.90 23.07
CA ASN A 165 -3.65 -15.03 23.65
C ASN A 165 -3.41 -16.23 22.73
N ARG A 166 -2.67 -17.22 23.23
CA ARG A 166 -2.30 -18.34 22.38
C ARG A 166 -3.49 -19.22 21.99
N ASN A 167 -4.65 -19.06 22.64
CA ASN A 167 -5.83 -19.83 22.25
C ASN A 167 -6.20 -19.58 20.78
N TRP A 168 -5.87 -18.41 20.25
CA TRP A 168 -6.28 -18.02 18.92
C TRP A 168 -5.20 -18.28 17.88
N VAL A 169 -4.02 -18.72 18.30
CA VAL A 169 -2.97 -19.12 17.37
C VAL A 169 -3.27 -20.54 16.90
N TYR A 170 -3.20 -20.75 15.59
CA TYR A 170 -3.48 -22.08 15.05
C TYR A 170 -2.55 -23.11 15.67
N SER A 171 -3.10 -24.29 15.97
CA SER A 171 -2.28 -25.38 16.49
C SER A 171 -1.30 -25.87 15.43
N GLU A 172 -1.75 -25.91 14.17
CA GLU A 172 -0.92 -26.29 13.04
C GLU A 172 -1.29 -25.37 11.89
N ALA A 173 -0.29 -24.91 11.17
CA ALA A 173 -0.52 -24.05 10.02
C ALA A 173 -0.57 -24.88 8.75
N VAL A 174 -1.24 -24.35 7.74
CA VAL A 174 -1.13 -24.82 6.37
C VAL A 174 0.05 -24.11 5.72
N THR A 175 0.94 -24.88 5.08
CA THR A 175 2.13 -24.27 4.49
C THR A 175 2.62 -25.18 3.36
N ILE A 176 3.80 -24.89 2.82
CA ILE A 176 4.45 -25.75 1.84
C ILE A 176 5.90 -25.97 2.28
N PRO A 177 6.51 -27.05 1.84
CA PRO A 177 7.94 -27.25 2.17
C PRO A 177 8.79 -26.13 1.60
N ALA A 178 9.92 -25.89 2.26
CA ALA A 178 10.77 -24.75 1.91
C ALA A 178 11.36 -24.86 0.50
N ASP A 179 11.48 -26.05 -0.05
CA ASP A 179 12.11 -26.21 -1.36
C ASP A 179 11.10 -26.29 -2.50
N VAL A 180 9.82 -26.03 -2.23
CA VAL A 180 8.77 -26.16 -3.23
C VAL A 180 8.58 -24.80 -3.92
N PRO A 181 8.70 -24.72 -5.25
CA PRO A 181 8.49 -23.45 -5.93
C PRO A 181 7.00 -23.10 -6.03
N TYR A 182 6.72 -21.87 -6.46
CA TYR A 182 5.36 -21.36 -6.37
C TYR A 182 4.38 -22.17 -7.22
N GLU A 183 4.76 -22.55 -8.44
CA GLU A 183 3.79 -23.18 -9.34
C GLU A 183 3.35 -24.55 -8.86
N GLN A 184 4.06 -25.17 -7.92
CA GLN A 184 3.62 -26.43 -7.31
C GLN A 184 2.99 -26.24 -5.95
N SER A 185 2.86 -24.99 -5.47
CA SER A 185 2.47 -24.77 -4.08
C SER A 185 1.12 -25.37 -3.77
N LEU A 186 0.13 -25.15 -4.63
CA LEU A 186 -1.22 -25.60 -4.31
C LEU A 186 -1.32 -27.12 -4.34
N HIS A 187 -0.37 -27.81 -4.97
CA HIS A 187 -0.31 -29.27 -4.99
C HIS A 187 0.47 -29.87 -3.84
N LYS A 188 1.34 -29.09 -3.17
CA LYS A 188 2.26 -29.63 -2.16
C LYS A 188 1.99 -29.08 -0.76
N GLU A 189 0.78 -28.62 -0.48
CA GLU A 189 0.49 -28.07 0.84
C GLU A 189 0.56 -29.16 1.91
N ILE A 190 1.04 -28.78 3.09
CA ILE A 190 1.22 -29.66 4.23
C ILE A 190 0.78 -28.91 5.49
N GLU A 191 0.60 -29.65 6.57
CA GLU A 191 0.40 -29.05 7.88
C GLU A 191 1.72 -29.01 8.64
N LYS A 192 1.90 -27.98 9.45
CA LYS A 192 3.11 -27.87 10.27
C LYS A 192 2.76 -27.25 11.62
N PRO A 193 3.16 -27.88 12.73
CA PRO A 193 2.80 -27.35 14.05
C PRO A 193 3.41 -25.98 14.32
N ILE A 194 2.65 -25.14 15.02
CA ILE A 194 3.15 -23.89 15.58
C ILE A 194 3.32 -24.11 17.08
N VAL A 195 4.56 -23.95 17.56
CA VAL A 195 4.86 -24.26 18.95
C VAL A 195 5.58 -23.07 19.58
N PHE A 196 5.51 -22.99 20.90
CA PHE A 196 6.14 -21.93 21.66
C PHE A 196 7.24 -22.54 22.52
N LYS A 197 8.46 -22.05 22.34
CA LYS A 197 9.62 -22.63 23.02
C LYS A 197 10.53 -21.52 23.52
N ASP A 198 11.40 -21.88 24.46
CA ASP A 198 12.41 -20.97 25.00
C ASP A 198 13.56 -20.86 23.98
N VAL A 199 13.36 -19.98 23.01
CA VAL A 199 14.37 -19.69 21.99
C VAL A 199 14.45 -18.17 21.83
N PRO A 200 15.57 -17.65 21.34
CA PRO A 200 15.72 -16.19 21.26
C PRO A 200 14.93 -15.56 20.13
N LEU A 201 14.80 -16.25 19.00
CA LEU A 201 14.19 -15.68 17.81
C LEU A 201 13.20 -16.65 17.18
N PRO A 202 12.19 -16.13 16.47
CA PRO A 202 11.33 -17.01 15.68
C PRO A 202 12.17 -17.81 14.68
N ILE A 203 11.91 -19.11 14.61
CA ILE A 203 12.70 -19.99 13.76
C ILE A 203 11.79 -21.08 13.23
N GLU A 204 12.11 -21.58 12.04
CA GLU A 204 11.42 -22.72 11.47
C GLU A 204 12.40 -23.86 11.31
N THR A 205 12.02 -25.05 11.77
CA THR A 205 12.76 -26.26 11.56
C THR A 205 12.03 -27.13 10.55
N ASP A 206 12.61 -28.29 10.23
CA ASP A 206 11.92 -29.21 9.34
C ASP A 206 10.58 -29.64 9.91
N ASP A 207 10.45 -29.72 11.24
CA ASP A 207 9.27 -30.25 11.90
C ASP A 207 8.30 -29.18 12.42
N GLU A 208 8.79 -27.99 12.76
CA GLU A 208 7.98 -27.07 13.55
C GLU A 208 8.24 -25.62 13.15
N LEU A 209 7.20 -24.80 13.31
CA LEU A 209 7.29 -23.34 13.32
C LEU A 209 7.36 -22.91 14.78
N ILE A 210 8.47 -22.32 15.19
CA ILE A 210 8.72 -22.06 16.61
C ILE A 210 8.62 -20.56 16.87
N ILE A 211 7.66 -20.20 17.70
CA ILE A 211 7.50 -18.82 18.18
C ILE A 211 8.14 -18.75 19.57
N PRO A 212 8.96 -17.75 19.86
CA PRO A 212 9.59 -17.68 21.18
C PRO A 212 8.58 -17.44 22.28
N ASN A 213 8.87 -17.96 23.47
CA ASN A 213 8.04 -17.68 24.64
C ASN A 213 8.05 -16.20 25.00
N THR A 214 9.06 -15.44 24.54
CA THR A 214 9.10 -14.00 24.73
C THR A 214 8.14 -13.25 23.82
N CYS A 215 7.40 -13.92 22.94
CA CYS A 215 6.53 -13.21 22.01
C CYS A 215 5.26 -12.81 22.75
N GLU A 216 5.32 -11.63 23.40
CA GLU A 216 4.32 -11.22 24.36
C GLU A 216 3.09 -10.60 23.72
N ASN A 217 3.24 -9.90 22.61
CA ASN A 217 2.23 -8.96 22.14
C ASN A 217 1.82 -9.24 20.70
N VAL A 218 0.61 -8.80 20.37
CA VAL A 218 0.12 -8.81 19.00
C VAL A 218 -0.37 -7.40 18.68
N ILE A 219 0.03 -6.89 17.51
CA ILE A 219 -0.43 -5.61 17.01
C ILE A 219 -1.43 -5.90 15.91
N VAL A 220 -2.65 -5.37 16.02
CA VAL A 220 -3.73 -5.67 15.09
C VAL A 220 -4.05 -4.42 14.29
N ALA A 221 -4.12 -4.55 12.97
CA ALA A 221 -4.45 -3.44 12.10
C ALA A 221 -5.76 -3.67 11.38
N GLY A 222 -6.54 -2.60 11.23
CA GLY A 222 -7.72 -2.59 10.39
C GLY A 222 -7.44 -1.80 9.12
N ILE A 223 -7.78 -2.41 7.98
CA ILE A 223 -7.56 -1.87 6.64
C ILE A 223 -8.93 -1.62 6.02
N ALA A 224 -9.34 -0.36 5.93
CA ALA A 224 -10.73 -0.06 5.55
C ALA A 224 -11.00 -0.38 4.09
N MET A 225 -12.13 -1.07 3.83
CA MET A 225 -12.59 -1.31 2.46
C MET A 225 -13.48 -0.14 2.01
N ASN A 226 -13.83 -0.15 0.73
CA ASN A 226 -14.59 0.95 0.16
C ASN A 226 -16.09 0.66 0.28
N ARG A 227 -16.84 1.60 0.86
CA ARG A 227 -18.27 1.37 1.13
C ARG A 227 -19.06 1.19 -0.17
N GLU A 228 -18.86 2.07 -1.15
CA GLU A 228 -19.65 2.01 -2.37
C GLU A 228 -19.40 0.71 -3.12
N MET A 229 -18.16 0.25 -3.11
CA MET A 229 -17.86 -1.00 -3.81
C MET A 229 -18.39 -2.21 -3.05
N MET A 230 -18.27 -2.22 -1.71
CA MET A 230 -18.78 -3.36 -0.96
C MET A 230 -20.30 -3.46 -1.06
N GLN A 231 -20.99 -2.33 -1.17
N GLN A 231 -20.99 -2.34 -1.19
CA GLN A 231 -22.45 -2.38 -1.30
CA GLN A 231 -22.44 -2.34 -1.32
C GLN A 231 -22.91 -3.06 -2.57
C GLN A 231 -22.92 -2.91 -2.64
N THR A 232 -22.02 -3.27 -3.55
CA THR A 232 -22.39 -4.04 -4.74
C THR A 232 -22.34 -5.55 -4.51
N ALA A 233 -21.99 -6.00 -3.30
CA ALA A 233 -21.99 -7.44 -3.01
C ALA A 233 -23.31 -8.07 -3.42
N PRO A 234 -23.28 -9.28 -4.01
CA PRO A 234 -22.15 -10.20 -4.22
C PRO A 234 -21.45 -10.02 -5.56
N ASN A 235 -21.57 -8.85 -6.17
CA ASN A 235 -21.07 -8.63 -7.52
C ASN A 235 -19.59 -8.23 -7.53
N SER A 236 -19.06 -7.97 -8.74
CA SER A 236 -17.61 -7.95 -8.94
C SER A 236 -16.92 -6.81 -8.19
N MET A 237 -17.57 -5.66 -8.05
CA MET A 237 -16.82 -4.55 -7.44
C MET A 237 -16.61 -4.78 -5.94
N ALA A 238 -17.46 -5.56 -5.28
CA ALA A 238 -17.16 -5.95 -3.91
C ALA A 238 -15.93 -6.85 -3.85
N CYS A 239 -15.75 -7.70 -4.87
CA CYS A 239 -14.54 -8.51 -4.96
C CYS A 239 -13.30 -7.66 -5.08
N ALA A 240 -13.40 -6.54 -5.80
CA ALA A 240 -12.23 -5.71 -6.06
C ALA A 240 -11.76 -4.98 -4.81
N THR A 241 -12.68 -4.42 -4.01
CA THR A 241 -12.21 -3.77 -2.79
C THR A 241 -11.64 -4.78 -1.80
N THR A 242 -12.22 -5.99 -1.74
CA THR A 242 -11.62 -7.07 -0.96
C THR A 242 -10.19 -7.33 -1.42
N ALA A 243 -10.00 -7.51 -2.72
CA ALA A 243 -8.70 -7.88 -3.27
C ALA A 243 -7.63 -6.82 -2.99
N PHE A 244 -7.93 -5.54 -3.31
CA PHE A 244 -6.96 -4.48 -3.07
C PHE A 244 -6.57 -4.41 -1.59
N CYS A 245 -7.52 -4.66 -0.70
CA CYS A 245 -7.19 -4.57 0.72
C CYS A 245 -6.29 -5.72 1.17
N TYR A 246 -6.36 -6.87 0.50
CA TYR A 246 -5.41 -7.93 0.83
C TYR A 246 -3.98 -7.52 0.49
N SER A 247 -3.81 -6.82 -0.64
CA SER A 247 -2.45 -6.36 -0.95
C SER A 247 -2.00 -5.28 0.01
N ARG A 248 -2.93 -4.43 0.46
CA ARG A 248 -2.60 -3.44 1.49
C ARG A 248 -2.19 -4.11 2.80
N MET A 249 -2.86 -5.22 3.15
CA MET A 249 -2.49 -5.97 4.34
C MET A 249 -1.05 -6.44 4.25
N CYS A 250 -0.68 -7.00 3.11
CA CYS A 250 0.66 -7.54 2.96
C CYS A 250 1.71 -6.43 3.09
N MET A 251 1.47 -5.27 2.48
N MET A 251 1.47 -5.29 2.44
CA MET A 251 2.44 -4.19 2.59
CA MET A 251 2.37 -4.15 2.57
C MET A 251 2.50 -3.67 4.03
C MET A 251 2.51 -3.74 4.03
N PHE A 252 1.37 -3.64 4.73
CA PHE A 252 1.40 -3.26 6.13
C PHE A 252 2.29 -4.18 6.94
N ASP A 253 2.06 -5.50 6.84
CA ASP A 253 2.86 -6.46 7.62
C ASP A 253 4.34 -6.27 7.34
N MET A 254 4.73 -6.14 6.07
CA MET A 254 6.15 -6.10 5.75
C MET A 254 6.77 -4.79 6.24
N TRP A 255 6.10 -3.67 5.97
CA TRP A 255 6.54 -2.38 6.50
C TRP A 255 6.72 -2.41 8.00
N LEU A 256 5.69 -2.88 8.72
CA LEU A 256 5.73 -2.81 10.18
C LEU A 256 6.73 -3.79 10.75
N CYS A 257 6.85 -5.00 10.18
CA CYS A 257 7.84 -5.94 10.69
C CYS A 257 9.23 -5.38 10.51
N GLN A 258 9.50 -4.73 9.37
CA GLN A 258 10.81 -4.14 9.16
C GLN A 258 11.07 -3.01 10.16
N PHE A 259 10.07 -2.16 10.43
CA PHE A 259 10.24 -1.13 11.46
C PHE A 259 10.60 -1.75 12.80
N ILE A 260 9.84 -2.77 13.22
CA ILE A 260 10.08 -3.37 14.53
C ILE A 260 11.48 -3.97 14.58
N ARG A 261 11.88 -4.65 13.51
CA ARG A 261 13.21 -5.25 13.45
C ARG A 261 14.29 -4.19 13.54
N TYR A 262 14.09 -3.08 12.85
CA TYR A 262 15.08 -1.99 12.86
C TYR A 262 15.08 -1.22 14.18
N MET A 263 14.08 -1.44 15.04
CA MET A 263 14.09 -0.96 16.42
C MET A 263 14.77 -1.92 17.39
N GLY A 264 15.18 -3.09 16.93
CA GLY A 264 15.93 -4.01 17.76
C GLY A 264 15.11 -5.15 18.32
N TYR A 265 13.93 -5.40 17.81
CA TYR A 265 13.05 -6.48 18.25
C TYR A 265 12.79 -7.42 17.08
N TYR A 266 12.08 -8.51 17.33
CA TYR A 266 11.68 -9.39 16.23
C TYR A 266 10.20 -9.20 15.97
N ALA A 267 9.76 -9.68 14.79
CA ALA A 267 8.39 -9.45 14.37
C ALA A 267 7.99 -10.55 13.41
N ILE A 268 6.79 -11.08 13.61
CA ILE A 268 6.24 -12.15 12.79
C ILE A 268 5.03 -11.59 12.04
N PRO A 269 5.07 -11.54 10.71
CA PRO A 269 3.89 -11.12 9.94
C PRO A 269 2.89 -12.26 9.85
N SER A 270 1.68 -11.96 9.36
CA SER A 270 0.74 -13.08 9.22
C SER A 270 -0.35 -12.95 8.16
N CYS A 271 -0.88 -11.75 7.90
CA CYS A 271 -2.07 -11.60 7.07
C CYS A 271 -3.15 -12.59 7.50
N ASN A 272 -3.61 -13.49 6.63
CA ASN A 272 -4.66 -14.44 7.03
C ASN A 272 -4.13 -15.69 7.71
N GLY A 273 -2.80 -15.82 7.88
CA GLY A 273 -2.22 -16.98 8.52
C GLY A 273 -2.03 -16.82 10.02
N VAL A 274 -1.45 -17.87 10.62
CA VAL A 274 -0.90 -17.94 11.97
C VAL A 274 -1.97 -18.02 13.06
N GLY A 275 -2.96 -17.13 13.02
CA GLY A 275 -4.01 -17.16 14.03
C GLY A 275 -5.28 -16.46 13.59
N GLN A 276 -6.29 -16.47 14.47
CA GLN A 276 -7.63 -16.00 14.14
C GLN A 276 -7.73 -14.48 14.37
N SER A 277 -7.82 -13.72 13.28
CA SER A 277 -7.70 -12.26 13.34
C SER A 277 -8.85 -11.62 14.11
N VAL A 278 -10.06 -12.17 14.00
CA VAL A 278 -11.19 -11.53 14.67
C VAL A 278 -10.99 -11.56 16.18
N ALA A 279 -10.50 -12.68 16.72
CA ALA A 279 -10.29 -12.75 18.16
C ALA A 279 -9.21 -11.77 18.61
N PHE A 280 -8.12 -11.68 17.86
CA PHE A 280 -7.08 -10.70 18.21
C PHE A 280 -7.62 -9.28 18.15
N ALA A 281 -8.39 -8.98 17.10
CA ALA A 281 -8.96 -7.63 16.97
C ALA A 281 -9.86 -7.28 18.14
N VAL A 282 -10.67 -8.24 18.61
CA VAL A 282 -11.53 -7.96 19.76
C VAL A 282 -10.69 -7.71 21.00
N GLU A 283 -9.66 -8.51 21.21
CA GLU A 283 -8.85 -8.36 22.41
C GLU A 283 -8.02 -7.07 22.36
N ALA A 284 -7.70 -6.60 21.16
CA ALA A 284 -6.94 -5.37 20.99
C ALA A 284 -7.83 -4.13 20.93
N GLY A 285 -9.14 -4.28 21.04
CA GLY A 285 -10.06 -3.16 21.13
C GLY A 285 -10.44 -2.49 19.82
N LEU A 286 -10.18 -3.12 18.67
CA LEU A 286 -10.64 -2.51 17.43
C LEU A 286 -12.16 -2.51 17.33
N GLY A 287 -12.82 -3.52 17.88
CA GLY A 287 -14.26 -3.60 17.79
C GLY A 287 -14.79 -4.77 18.59
N GLN A 288 -16.03 -5.15 18.29
CA GLN A 288 -16.70 -6.26 18.95
C GLN A 288 -17.09 -7.32 17.94
N ALA A 289 -17.09 -8.58 18.38
CA ALA A 289 -17.58 -9.64 17.53
C ALA A 289 -19.09 -9.51 17.33
N SER A 290 -19.57 -10.11 16.24
CA SER A 290 -20.93 -9.87 15.77
C SER A 290 -21.59 -11.17 15.35
N ARG A 291 -22.89 -11.09 15.02
CA ARG A 291 -23.61 -12.29 14.59
C ARG A 291 -22.97 -12.92 13.36
N MET A 292 -22.56 -12.09 12.39
CA MET A 292 -21.99 -12.65 11.16
C MET A 292 -20.62 -13.29 11.42
N GLY A 293 -20.01 -13.00 12.56
CA GLY A 293 -18.71 -13.55 12.91
C GLY A 293 -17.55 -12.60 12.73
N ALA A 294 -17.79 -11.41 12.20
CA ALA A 294 -16.72 -10.46 11.94
C ALA A 294 -16.57 -9.51 13.12
N CYS A 295 -15.43 -8.83 13.14
CA CYS A 295 -15.21 -7.73 14.08
C CYS A 295 -15.89 -6.48 13.55
N ILE A 296 -16.82 -5.93 14.31
CA ILE A 296 -17.52 -4.71 13.93
C ILE A 296 -16.84 -3.53 14.63
N THR A 297 -16.37 -2.54 13.83
CA THR A 297 -15.68 -1.40 14.40
C THR A 297 -16.61 -0.19 14.44
N PRO A 298 -16.41 0.75 15.36
CA PRO A 298 -17.25 1.96 15.35
C PRO A 298 -17.11 2.78 14.07
N GLU A 299 -15.91 2.79 13.46
CA GLU A 299 -15.64 3.66 12.30
C GLU A 299 -16.16 3.06 11.00
N PHE A 300 -16.03 1.74 10.82
CA PHE A 300 -16.28 1.11 9.54
C PHE A 300 -17.31 -0.01 9.61
N GLY A 301 -17.87 -0.29 10.79
CA GLY A 301 -18.63 -1.52 10.98
C GLY A 301 -17.73 -2.69 10.65
N PRO A 302 -18.30 -3.75 10.06
CA PRO A 302 -17.47 -4.89 9.65
C PRO A 302 -16.77 -4.70 8.32
N ASN A 303 -16.90 -3.54 7.68
CA ASN A 303 -16.38 -3.33 6.33
C ASN A 303 -14.92 -2.90 6.40
N VAL A 304 -14.12 -3.79 6.97
CA VAL A 304 -12.72 -3.50 7.25
C VAL A 304 -11.99 -4.84 7.30
N ARG A 305 -10.80 -4.89 6.70
CA ARG A 305 -9.99 -6.09 6.77
C ARG A 305 -9.03 -6.01 7.95
N LEU A 306 -8.55 -7.16 8.39
CA LEU A 306 -7.68 -7.27 9.55
C LEU A 306 -6.39 -7.95 9.15
N THR A 307 -5.28 -7.47 9.71
CA THR A 307 -4.04 -8.25 9.70
C THR A 307 -3.38 -8.03 11.05
N LYS A 308 -2.31 -8.78 11.32
CA LYS A 308 -1.68 -8.67 12.63
C LYS A 308 -0.22 -9.08 12.56
N VAL A 309 0.56 -8.55 13.52
CA VAL A 309 1.99 -8.79 13.63
C VAL A 309 2.26 -9.16 15.08
N PHE A 310 3.09 -10.19 15.30
CA PHE A 310 3.43 -10.65 16.64
C PHE A 310 4.84 -10.22 17.00
N THR A 311 5.05 -9.76 18.24
CA THR A 311 6.36 -9.23 18.56
C THR A 311 6.68 -9.35 20.05
N ASN A 312 7.98 -9.32 20.35
CA ASN A 312 8.45 -9.19 21.74
C ASN A 312 8.67 -7.73 22.16
N MET A 313 8.48 -6.78 21.24
CA MET A 313 8.59 -5.37 21.59
C MET A 313 7.68 -5.05 22.77
N PRO A 314 8.21 -4.49 23.86
CA PRO A 314 7.33 -4.06 24.96
C PRO A 314 6.32 -3.02 24.47
N LEU A 315 5.06 -3.22 24.85
CA LEU A 315 3.98 -2.36 24.40
C LEU A 315 2.92 -2.24 25.50
N VAL A 316 2.07 -1.22 25.41
CA VAL A 316 0.97 -1.04 26.34
C VAL A 316 -0.29 -1.60 25.69
N PRO A 317 -0.91 -2.63 26.27
CA PRO A 317 -2.14 -3.16 25.65
C PRO A 317 -3.27 -2.14 25.68
N ASP A 318 -4.05 -2.12 24.61
CA ASP A 318 -5.24 -1.30 24.55
C ASP A 318 -6.38 -1.96 25.31
N LYS A 319 -7.39 -1.13 25.69
CA LYS A 319 -8.55 -1.69 26.36
C LYS A 319 -9.57 -2.18 25.35
N PRO A 320 -10.28 -3.26 25.66
CA PRO A 320 -11.40 -3.68 24.82
C PRO A 320 -12.46 -2.59 24.79
N ILE A 321 -13.34 -2.67 23.79
CA ILE A 321 -14.44 -1.71 23.65
C ILE A 321 -15.77 -2.46 23.67
N ASP A 322 -16.78 -1.86 24.27
CA ASP A 322 -18.14 -2.43 24.25
C ASP A 322 -19.07 -1.28 23.89
N PHE A 323 -19.48 -1.20 22.62
CA PHE A 323 -20.44 -0.16 22.23
C PHE A 323 -21.81 -0.75 21.90
N GLY A 324 -22.12 -1.92 22.48
CA GLY A 324 -23.47 -2.46 22.40
C GLY A 324 -23.72 -3.39 21.24
N VAL A 325 -22.67 -3.83 20.54
CA VAL A 325 -22.88 -4.66 19.34
C VAL A 325 -23.61 -5.94 19.69
N THR A 326 -23.20 -6.61 20.78
CA THR A 326 -23.82 -7.89 21.12
C THR A 326 -25.32 -7.74 21.26
N GLU A 327 -25.76 -6.69 21.97
CA GLU A 327 -27.19 -6.49 22.16
C GLU A 327 -27.89 -6.13 20.85
N PHE A 328 -27.22 -5.39 19.97
CA PHE A 328 -27.87 -5.07 18.69
C PHE A 328 -28.00 -6.32 17.82
N CYS A 329 -26.93 -7.12 17.72
CA CYS A 329 -26.99 -8.36 16.95
C CYS A 329 -28.05 -9.32 17.51
N GLU A 330 -28.32 -9.26 18.81
N GLU A 330 -28.33 -9.24 18.82
CA GLU A 330 -29.31 -10.16 19.38
CA GLU A 330 -29.30 -10.13 19.41
C GLU A 330 -30.69 -9.93 18.78
C GLU A 330 -30.69 -9.92 18.83
N THR A 331 -31.03 -8.69 18.44
CA THR A 331 -32.35 -8.37 17.91
C THR A 331 -32.36 -7.97 16.44
N CYS A 332 -31.21 -7.93 15.78
CA CYS A 332 -31.17 -7.41 14.40
C CYS A 332 -31.43 -8.50 13.37
N LYS A 333 -30.47 -9.40 13.19
CA LYS A 333 -30.54 -10.55 12.28
C LYS A 333 -30.64 -10.19 10.78
N LYS A 334 -30.28 -8.97 10.37
CA LYS A 334 -30.38 -8.64 8.94
C LYS A 334 -29.44 -9.49 8.10
N CYS A 335 -28.21 -9.67 8.57
CA CYS A 335 -27.26 -10.48 7.80
C CYS A 335 -27.75 -11.90 7.64
N ALA A 336 -28.33 -12.48 8.70
CA ALA A 336 -28.86 -13.83 8.62
C ALA A 336 -30.00 -13.92 7.61
N ARG A 337 -30.85 -12.90 7.55
CA ARG A 337 -32.00 -12.97 6.66
C ARG A 337 -31.58 -12.76 5.21
N GLU A 338 -30.56 -11.94 4.98
CA GLU A 338 -30.11 -11.62 3.63
C GLU A 338 -29.08 -12.60 3.10
N CYS A 339 -28.45 -13.40 3.95
CA CYS A 339 -27.39 -14.31 3.50
C CYS A 339 -27.92 -15.24 2.40
N PRO A 340 -27.31 -15.24 1.21
CA PRO A 340 -27.83 -16.09 0.12
C PRO A 340 -27.67 -17.58 0.36
N SER A 341 -26.87 -17.99 1.35
CA SER A 341 -26.64 -19.41 1.60
C SER A 341 -27.22 -19.87 2.93
N LYS A 342 -27.89 -18.99 3.68
CA LYS A 342 -28.38 -19.29 5.03
C LYS A 342 -27.27 -19.82 5.93
N ALA A 343 -26.07 -19.27 5.78
CA ALA A 343 -24.95 -19.72 6.60
C ALA A 343 -24.97 -19.13 8.00
N ILE A 344 -25.59 -17.98 8.18
CA ILE A 344 -25.52 -17.25 9.45
C ILE A 344 -26.71 -17.64 10.32
N THR A 345 -26.41 -17.99 11.57
CA THR A 345 -27.47 -18.43 12.48
C THR A 345 -28.37 -17.27 12.88
N GLU A 346 -29.65 -17.59 13.09
CA GLU A 346 -30.59 -16.67 13.72
C GLU A 346 -30.75 -16.96 15.20
N GLY A 347 -30.03 -17.94 15.73
CA GLY A 347 -30.18 -18.34 17.10
C GLY A 347 -29.19 -17.66 18.02
N PRO A 348 -29.18 -18.09 19.28
CA PRO A 348 -28.30 -17.48 20.28
C PRO A 348 -26.87 -17.98 20.14
N ARG A 349 -25.97 -17.28 20.83
CA ARG A 349 -24.59 -17.74 20.92
C ARG A 349 -24.51 -19.02 21.74
N THR A 350 -23.58 -19.90 21.37
CA THR A 350 -23.32 -21.12 22.13
C THR A 350 -21.82 -21.36 22.17
N PHE A 351 -21.42 -22.33 22.99
CA PHE A 351 -20.05 -22.79 23.08
C PHE A 351 -19.77 -23.95 22.13
N GLU A 352 -20.77 -24.42 21.39
CA GLU A 352 -20.67 -25.68 20.66
C GLU A 352 -20.57 -25.39 19.16
N GLY A 353 -19.44 -25.76 18.56
CA GLY A 353 -19.26 -25.52 17.15
C GLY A 353 -20.35 -26.16 16.32
N ARG A 354 -20.72 -25.47 15.24
CA ARG A 354 -21.71 -26.01 14.33
C ARG A 354 -21.13 -27.16 13.50
N SER A 355 -19.87 -27.05 13.12
CA SER A 355 -19.20 -28.08 12.34
C SER A 355 -17.71 -27.97 12.59
N ILE A 356 -16.94 -28.80 11.87
CA ILE A 356 -15.49 -28.84 12.00
C ILE A 356 -14.87 -27.46 11.75
N HIS A 357 -15.56 -26.60 11.00
CA HIS A 357 -14.95 -25.31 10.66
C HIS A 357 -14.94 -24.31 11.81
N ASN A 358 -15.73 -24.55 12.85
CA ASN A 358 -15.81 -23.68 14.02
C ASN A 358 -14.92 -24.21 15.13
N GLN A 359 -14.32 -23.30 15.89
CA GLN A 359 -13.59 -23.66 17.10
C GLN A 359 -14.56 -23.66 18.28
N SER A 360 -14.81 -24.83 18.85
CA SER A 360 -15.67 -24.95 20.02
C SER A 360 -14.97 -24.45 21.28
N GLY A 361 -15.77 -24.12 22.28
CA GLY A 361 -15.25 -23.69 23.57
C GLY A 361 -15.15 -22.20 23.79
N LYS A 362 -15.71 -21.39 22.88
CA LYS A 362 -15.80 -19.94 23.07
C LYS A 362 -17.21 -19.52 22.68
N LEU A 363 -17.78 -18.60 23.47
CA LEU A 363 -19.17 -18.20 23.28
C LEU A 363 -19.28 -17.28 22.07
N GLN A 364 -19.90 -17.76 21.00
CA GLN A 364 -20.00 -16.97 19.76
C GLN A 364 -21.24 -17.42 19.02
N TRP A 365 -21.62 -16.61 18.03
CA TRP A 365 -22.63 -17.06 17.09
C TRP A 365 -21.98 -18.08 16.14
N GLN A 366 -22.59 -19.26 16.06
CA GLN A 366 -22.01 -20.39 15.32
C GLN A 366 -22.61 -20.43 13.92
N ASN A 367 -21.78 -20.14 12.91
CA ASN A 367 -22.24 -20.08 11.53
C ASN A 367 -21.73 -21.27 10.74
N ASP A 368 -22.46 -21.63 9.69
CA ASP A 368 -22.08 -22.78 8.86
C ASP A 368 -21.25 -22.26 7.69
N TYR A 369 -19.93 -22.37 7.81
CA TYR A 369 -19.07 -21.74 6.82
C TYR A 369 -18.85 -22.59 5.58
N ASN A 370 -19.25 -23.86 5.60
CA ASN A 370 -19.30 -24.62 4.36
C ASN A 370 -20.41 -24.09 3.45
N LYS A 371 -21.54 -23.69 4.05
CA LYS A 371 -22.61 -23.08 3.27
C LYS A 371 -22.17 -21.76 2.66
N CYS A 372 -21.50 -20.91 3.46
CA CYS A 372 -20.93 -19.68 2.91
C CYS A 372 -20.06 -19.94 1.69
N LEU A 373 -19.05 -20.79 1.83
CA LEU A 373 -18.12 -21.02 0.73
C LEU A 373 -18.84 -21.59 -0.48
N GLY A 374 -19.89 -22.40 -0.27
CA GLY A 374 -20.63 -22.94 -1.38
C GLY A 374 -21.28 -21.90 -2.28
N TYR A 375 -21.55 -20.72 -1.75
CA TYR A 375 -22.12 -19.66 -2.57
C TYR A 375 -21.08 -18.96 -3.43
N TRP A 376 -19.79 -19.09 -3.10
CA TRP A 376 -18.80 -18.34 -3.86
C TRP A 376 -18.67 -18.84 -5.29
N PRO A 377 -18.56 -20.14 -5.58
CA PRO A 377 -18.59 -20.57 -6.98
C PRO A 377 -19.89 -20.23 -7.67
N GLU A 378 -21.00 -20.28 -6.95
CA GLU A 378 -22.29 -19.99 -7.55
C GLU A 378 -22.39 -18.53 -7.99
N SER A 379 -21.83 -17.62 -7.21
CA SER A 379 -21.88 -16.19 -7.49
C SER A 379 -20.65 -15.69 -8.23
N GLY A 380 -19.58 -16.46 -8.28
CA GLY A 380 -18.37 -16.03 -8.97
C GLY A 380 -17.57 -14.99 -8.24
N GLY A 381 -17.65 -14.95 -6.92
CA GLY A 381 -16.95 -13.94 -6.17
C GLY A 381 -16.77 -14.33 -4.72
N TYR A 382 -16.60 -13.32 -3.85
CA TYR A 382 -16.37 -13.54 -2.43
C TYR A 382 -17.57 -13.06 -1.60
N CYS A 383 -18.73 -12.96 -2.25
CA CYS A 383 -19.99 -12.50 -1.67
C CYS A 383 -19.77 -11.21 -0.89
N GLY A 384 -19.91 -11.26 0.43
CA GLY A 384 -19.88 -10.03 1.22
C GLY A 384 -21.23 -9.40 1.51
N VAL A 385 -22.33 -10.07 1.16
CA VAL A 385 -23.65 -9.49 1.37
C VAL A 385 -23.87 -9.16 2.84
N CYS A 386 -23.39 -10.03 3.74
CA CYS A 386 -23.53 -9.77 5.18
C CYS A 386 -22.86 -8.47 5.58
N VAL A 387 -21.63 -8.22 5.11
CA VAL A 387 -20.97 -6.94 5.38
C VAL A 387 -21.76 -5.78 4.78
N ALA A 388 -22.25 -5.97 3.56
CA ALA A 388 -22.91 -4.89 2.84
C ALA A 388 -24.20 -4.46 3.53
N VAL A 389 -24.96 -5.41 4.09
CA VAL A 389 -26.27 -5.06 4.64
C VAL A 389 -26.20 -4.69 6.12
N CYS A 390 -25.06 -4.90 6.78
CA CYS A 390 -24.99 -4.63 8.21
C CYS A 390 -25.21 -3.15 8.47
N PRO A 391 -26.13 -2.77 9.36
CA PRO A 391 -26.31 -1.35 9.68
C PRO A 391 -25.03 -0.64 10.06
N PHE A 392 -24.07 -1.34 10.67
CA PHE A 392 -22.85 -0.68 11.10
C PHE A 392 -21.93 -0.34 9.93
N THR A 393 -22.16 -0.93 8.76
CA THR A 393 -21.42 -0.55 7.55
C THR A 393 -21.85 0.81 7.01
N LYS A 394 -23.06 1.27 7.34
CA LYS A 394 -23.51 2.59 6.92
C LYS A 394 -22.64 3.68 7.55
N GLY A 395 -22.39 4.75 6.81
CA GLY A 395 -21.52 5.77 7.38
C GLY A 395 -22.16 6.71 8.38
N ASN A 396 -23.43 6.49 8.71
CA ASN A 396 -24.30 7.51 9.30
C ASN A 396 -24.86 7.10 10.67
N ILE A 397 -24.12 6.32 11.46
CA ILE A 397 -24.77 5.65 12.57
C ILE A 397 -24.69 6.42 13.89
N TRP A 398 -23.71 7.28 14.07
CA TRP A 398 -23.43 7.88 15.38
C TRP A 398 -24.10 9.23 15.54
N ILE A 399 -24.80 9.41 16.66
CA ILE A 399 -25.39 10.69 17.00
C ILE A 399 -25.09 11.01 18.46
N HIS A 400 -25.22 12.28 18.80
CA HIS A 400 -24.94 12.75 20.15
C HIS A 400 -26.23 13.35 20.69
N ASP A 401 -26.62 12.96 21.91
CA ASP A 401 -27.89 13.39 22.47
C ASP A 401 -27.74 14.61 23.39
N GLY A 402 -26.60 15.29 23.35
CA GLY A 402 -26.32 16.37 24.25
C GLY A 402 -25.55 15.96 25.48
N VAL A 403 -25.58 14.68 25.85
CA VAL A 403 -24.80 14.14 26.95
C VAL A 403 -23.73 13.17 26.44
N GLU A 404 -24.10 12.27 25.54
CA GLU A 404 -23.19 11.21 25.14
C GLU A 404 -23.51 10.73 23.72
N TRP A 405 -22.62 9.91 23.19
CA TRP A 405 -22.80 9.30 21.87
C TRP A 405 -23.68 8.06 21.96
N LEU A 406 -24.42 7.79 20.89
CA LEU A 406 -25.28 6.62 20.84
C LEU A 406 -25.48 6.21 19.40
N ILE A 407 -25.92 4.96 19.23
CA ILE A 407 -26.30 4.42 17.93
C ILE A 407 -27.72 4.84 17.61
N ASP A 408 -27.94 5.29 16.37
CA ASP A 408 -29.26 5.66 15.87
C ASP A 408 -30.07 4.39 15.59
N ASN A 409 -31.00 4.04 16.49
CA ASN A 409 -31.82 2.83 16.31
C ASN A 409 -32.59 2.81 15.00
N THR A 410 -32.70 3.95 14.31
CA THR A 410 -33.49 3.94 13.09
C THR A 410 -32.80 3.15 11.99
N ARG A 411 -31.50 2.87 12.13
CA ARG A 411 -30.75 2.09 11.17
C ARG A 411 -31.12 0.61 11.17
N PHE A 412 -31.83 0.15 12.19
CA PHE A 412 -32.13 -1.27 12.35
C PHE A 412 -33.61 -1.53 12.11
N ASN A 431 -25.95 0.96 -8.87
CA ASN A 431 -25.45 -0.13 -9.68
C ASN A 431 -23.96 0.05 -9.96
N ILE A 432 -23.38 -0.89 -10.70
CA ILE A 432 -21.93 -0.91 -10.85
C ILE A 432 -21.45 0.16 -11.83
N THR A 433 -22.25 0.49 -12.85
CA THR A 433 -21.89 1.61 -13.70
C THR A 433 -21.76 2.89 -12.88
N GLU A 434 -22.72 3.14 -11.98
CA GLU A 434 -22.66 4.34 -11.15
C GLU A 434 -21.46 4.33 -10.21
N VAL A 435 -21.02 3.15 -9.77
CA VAL A 435 -19.79 3.06 -8.98
C VAL A 435 -18.58 3.45 -9.82
N TRP A 436 -18.46 2.89 -11.02
CA TRP A 436 -17.34 3.25 -11.89
C TRP A 436 -17.37 4.73 -12.25
N ASP A 437 -18.55 5.34 -12.31
CA ASP A 437 -18.69 6.74 -12.72
C ASP A 437 -18.73 7.69 -11.53
N GLY A 438 -18.65 7.17 -10.30
CA GLY A 438 -18.93 7.95 -9.12
C GLY A 438 -17.70 8.25 -8.29
N LYS A 439 -17.95 8.50 -7.01
CA LYS A 439 -16.93 9.01 -6.10
C LYS A 439 -15.83 7.99 -5.84
N ILE A 440 -14.58 8.46 -5.87
CA ILE A 440 -13.45 7.64 -5.45
C ILE A 440 -12.36 8.59 -4.96
N ASN A 441 -11.44 8.05 -4.18
CA ASN A 441 -10.32 8.81 -3.66
C ASN A 441 -9.22 7.81 -3.38
N THR A 442 -8.10 8.31 -2.87
CA THR A 442 -6.90 7.48 -2.77
C THR A 442 -7.14 6.25 -1.92
N TYR A 443 -6.77 5.08 -2.45
CA TYR A 443 -6.97 3.78 -1.82
C TYR A 443 -8.44 3.47 -1.53
N GLY A 444 -9.35 4.16 -2.21
CA GLY A 444 -10.76 3.95 -1.94
C GLY A 444 -11.23 4.51 -0.62
N LEU A 445 -10.39 5.28 0.06
CA LEU A 445 -10.81 5.96 1.29
C LEU A 445 -11.76 7.10 0.96
N ASP A 446 -12.55 7.51 1.96
CA ASP A 446 -13.64 8.46 1.77
C ASP A 446 -13.34 9.71 2.60
N ALA A 447 -13.09 10.82 1.91
CA ALA A 447 -12.74 12.05 2.61
C ALA A 447 -13.87 12.56 3.49
N ASP A 448 -15.11 12.15 3.25
CA ASP A 448 -16.21 12.56 4.13
C ASP A 448 -16.08 11.99 5.52
N HIS A 449 -15.32 10.90 5.70
CA HIS A 449 -15.20 10.23 6.98
C HIS A 449 -13.75 10.09 7.44
N PHE A 450 -12.77 10.46 6.61
CA PHE A 450 -11.38 10.19 6.90
C PHE A 450 -10.90 10.90 8.17
N ARG A 451 -11.54 12.00 8.57
CA ARG A 451 -11.17 12.61 9.85
C ARG A 451 -11.36 11.66 11.02
N ASP A 452 -12.23 10.66 10.90
CA ASP A 452 -12.49 9.76 12.01
C ASP A 452 -11.27 8.96 12.42
N THR A 453 -10.28 8.80 11.54
CA THR A 453 -9.11 8.00 11.89
C THR A 453 -7.87 8.86 12.12
N VAL A 454 -8.04 10.18 12.32
CA VAL A 454 -6.90 10.99 12.70
C VAL A 454 -6.39 10.53 14.08
N SER A 455 -5.10 10.69 14.30
CA SER A 455 -4.48 10.19 15.53
C SER A 455 -3.44 11.17 16.03
N PHE A 456 -3.53 11.51 17.31
CA PHE A 456 -2.49 12.22 18.04
C PHE A 456 -1.96 11.30 19.13
N ARG A 457 -0.91 11.73 19.84
CA ARG A 457 -0.30 10.84 20.82
C ARG A 457 -1.33 10.33 21.83
N LYS A 458 -2.27 11.19 22.24
CA LYS A 458 -3.27 10.76 23.22
C LYS A 458 -4.10 9.59 22.70
N ASP A 459 -4.31 9.50 21.38
CA ASP A 459 -5.02 8.38 20.78
C ASP A 459 -4.18 7.12 20.68
N ARG A 460 -2.86 7.25 20.76
CA ARG A 460 -1.99 6.09 20.58
C ARG A 460 -1.62 5.43 21.90
N VAL A 461 -1.38 6.23 22.94
CA VAL A 461 -0.98 5.65 24.22
C VAL A 461 -1.47 6.56 25.33
N LYS A 462 -1.89 5.96 26.44
CA LYS A 462 -2.54 6.68 27.53
C LYS A 462 -1.58 6.92 28.69
N ASN B 6 -12.70 23.95 -3.76
CA ASN B 6 -12.95 22.97 -4.81
C ASN B 6 -11.71 22.85 -5.71
N ALA B 7 -11.06 21.69 -5.69
CA ALA B 7 -9.87 21.50 -6.50
C ALA B 7 -10.22 21.20 -7.94
N ALA B 8 -11.38 20.57 -8.19
CA ALA B 8 -11.76 20.28 -9.56
C ALA B 8 -12.01 21.57 -10.34
N GLU B 9 -12.62 22.57 -9.68
CA GLU B 9 -12.84 23.87 -10.30
C GLU B 9 -11.51 24.58 -10.61
N ILE B 10 -10.57 24.56 -9.66
CA ILE B 10 -9.27 25.20 -9.90
C ILE B 10 -8.59 24.61 -11.12
N ARG B 11 -8.54 23.28 -11.19
CA ARG B 11 -7.82 22.64 -12.29
C ARG B 11 -8.48 22.92 -13.63
N GLN B 12 -9.81 22.94 -13.68
CA GLN B 12 -10.48 23.33 -14.91
C GLN B 12 -10.18 24.76 -15.27
N GLN B 13 -10.13 25.64 -14.26
CA GLN B 13 -9.86 27.06 -14.51
C GLN B 13 -8.49 27.27 -15.17
N PHE B 14 -7.52 26.44 -14.83
CA PHE B 14 -6.16 26.65 -15.30
C PHE B 14 -5.75 25.71 -16.42
N ALA B 15 -6.70 24.98 -17.01
CA ALA B 15 -6.39 24.13 -18.15
C ALA B 15 -5.89 24.95 -19.32
N MET B 16 -4.81 24.49 -19.95
CA MET B 16 -4.30 25.08 -21.17
C MET B 16 -4.89 24.36 -22.39
N THR B 17 -4.71 24.97 -23.56
CA THR B 17 -4.93 24.26 -24.81
C THR B 17 -3.89 23.15 -24.96
N ALA B 18 -4.20 22.17 -25.81
CA ALA B 18 -3.31 21.03 -25.95
C ALA B 18 -1.97 21.46 -26.53
N GLY B 19 -0.94 20.68 -26.21
CA GLY B 19 0.41 20.95 -26.67
C GLY B 19 1.40 20.92 -25.52
N SER B 20 2.50 20.20 -25.68
CA SER B 20 3.51 20.15 -24.63
C SER B 20 3.96 21.57 -24.30
N PRO B 21 3.95 21.98 -23.03
CA PRO B 21 4.43 23.31 -22.66
C PRO B 21 5.94 23.41 -22.47
N ILE B 22 6.67 22.33 -22.74
CA ILE B 22 8.12 22.31 -22.62
C ILE B 22 8.71 22.86 -23.91
N ILE B 23 9.44 23.98 -23.80
CA ILE B 23 10.07 24.60 -24.96
C ILE B 23 11.42 23.94 -25.19
N VAL B 24 11.66 23.50 -26.43
CA VAL B 24 12.87 22.79 -26.79
C VAL B 24 13.52 23.51 -27.97
N ASN B 25 14.75 23.08 -28.29
CA ASN B 25 15.38 23.55 -29.53
C ASN B 25 15.91 22.35 -30.32
N ASP B 26 16.70 22.64 -31.36
CA ASP B 26 17.23 21.64 -32.27
C ASP B 26 18.34 20.79 -31.64
N LYS B 27 18.91 21.21 -30.53
CA LYS B 27 20.01 20.50 -29.89
C LYS B 27 19.57 19.39 -28.95
N LEU B 28 18.28 19.27 -28.68
CA LEU B 28 17.80 18.34 -27.66
C LEU B 28 18.04 16.90 -28.10
N GLU B 29 18.64 16.11 -27.20
CA GLU B 29 18.85 14.68 -27.43
C GLU B 29 18.45 13.89 -26.21
N ARG B 30 18.03 12.65 -26.42
CA ARG B 30 17.66 11.79 -25.31
C ARG B 30 18.87 11.58 -24.40
N TYR B 31 18.60 11.40 -23.12
CA TYR B 31 19.58 11.52 -22.05
C TYR B 31 19.88 10.15 -21.48
N ALA B 32 21.17 9.81 -21.38
CA ALA B 32 21.58 8.53 -20.80
C ALA B 32 21.45 8.55 -19.28
N GLU B 33 20.71 7.58 -18.74
CA GLU B 33 20.39 7.56 -17.31
C GLU B 33 21.64 7.58 -16.43
N VAL B 34 22.75 6.98 -16.87
CA VAL B 34 23.96 6.93 -16.06
C VAL B 34 24.47 8.33 -15.74
N ARG B 35 24.04 9.35 -16.49
CA ARG B 35 24.51 10.71 -16.25
C ARG B 35 23.94 11.34 -14.98
N THR B 36 22.92 10.75 -14.35
CA THR B 36 22.42 11.39 -13.13
C THR B 36 23.50 11.36 -12.05
N ALA B 37 23.37 12.28 -11.09
CA ALA B 37 24.38 12.37 -10.04
C ALA B 37 24.42 11.12 -9.18
N PHE B 38 23.28 10.42 -9.04
CA PHE B 38 23.23 9.17 -8.27
C PHE B 38 24.18 8.12 -8.82
N THR B 39 24.41 8.11 -10.13
CA THR B 39 25.09 7.00 -10.79
C THR B 39 26.39 7.38 -11.48
N HIS B 40 26.58 8.63 -11.87
CA HIS B 40 27.70 8.94 -12.73
C HIS B 40 29.02 8.79 -11.97
N PRO B 41 30.07 8.27 -12.62
CA PRO B 41 31.34 8.08 -11.91
C PRO B 41 31.92 9.37 -11.35
N THR B 42 31.68 10.52 -11.99
CA THR B 42 32.22 11.79 -11.48
C THR B 42 31.57 12.22 -10.18
N SER B 43 30.35 11.74 -9.87
CA SER B 43 29.60 12.17 -8.70
C SER B 43 29.36 11.06 -7.68
N PHE B 44 29.68 9.81 -8.02
CA PHE B 44 29.21 8.68 -7.23
C PHE B 44 29.94 8.57 -5.90
N PHE B 45 31.23 8.88 -5.88
CA PHE B 45 32.06 8.67 -4.70
C PHE B 45 32.21 9.97 -3.91
N LYS B 46 31.89 9.92 -2.62
CA LYS B 46 31.98 11.07 -1.73
C LYS B 46 32.59 10.67 -0.41
N PRO B 47 33.27 11.59 0.27
CA PRO B 47 33.87 11.25 1.56
C PRO B 47 32.80 11.17 2.65
N ASN B 48 33.06 10.32 3.64
CA ASN B 48 32.27 10.32 4.85
C ASN B 48 32.88 11.30 5.85
N TYR B 49 32.30 11.39 7.04
CA TYR B 49 32.76 12.39 8.01
C TYR B 49 34.16 12.10 8.54
N LYS B 50 34.67 10.89 8.33
CA LYS B 50 36.02 10.52 8.72
C LYS B 50 37.05 10.79 7.62
N GLY B 51 36.60 11.23 6.44
CA GLY B 51 37.53 11.41 5.33
C GLY B 51 37.73 10.19 4.45
N GLU B 52 36.89 9.15 4.60
CA GLU B 52 37.01 7.94 3.81
C GLU B 52 36.12 8.07 2.58
N VAL B 53 36.70 7.91 1.39
CA VAL B 53 35.90 8.02 0.17
C VAL B 53 35.17 6.71 -0.09
N LYS B 54 33.86 6.79 -0.27
CA LYS B 54 33.00 5.63 -0.48
C LYS B 54 31.90 6.00 -1.46
N PRO B 55 31.20 4.99 -2.01
CA PRO B 55 29.90 5.27 -2.66
C PRO B 55 29.09 6.20 -1.77
N TRP B 56 28.49 7.22 -2.37
CA TRP B 56 27.87 8.29 -1.59
C TRP B 56 26.88 7.77 -0.56
N PHE B 57 26.10 6.74 -0.91
CA PHE B 57 25.07 6.29 0.03
C PHE B 57 25.68 5.55 1.22
N LEU B 58 26.86 4.95 1.04
CA LEU B 58 27.56 4.34 2.16
C LEU B 58 28.15 5.41 3.07
N SER B 59 28.68 6.49 2.50
CA SER B 59 29.12 7.61 3.34
C SER B 59 27.94 8.19 4.10
N ALA B 60 26.77 8.24 3.47
CA ALA B 60 25.58 8.75 4.17
C ALA B 60 25.17 7.80 5.30
N TYR B 61 25.22 6.48 5.06
CA TYR B 61 25.01 5.52 6.13
C TYR B 61 25.91 5.80 7.34
N ASP B 62 27.18 6.09 7.08
CA ASP B 62 28.10 6.35 8.18
C ASP B 62 27.63 7.55 9.00
N GLU B 63 27.03 8.55 8.35
CA GLU B 63 26.54 9.71 9.08
C GLU B 63 25.29 9.38 9.88
N LYS B 64 24.41 8.53 9.33
CA LYS B 64 23.23 8.11 10.08
C LYS B 64 23.64 7.39 11.35
N VAL B 65 24.63 6.48 11.26
CA VAL B 65 25.13 5.78 12.45
C VAL B 65 25.70 6.77 13.45
N ARG B 66 26.57 7.68 12.99
CA ARG B 66 27.12 8.70 13.87
C ARG B 66 26.02 9.48 14.58
N GLN B 67 24.96 9.82 13.85
CA GLN B 67 23.89 10.61 14.44
C GLN B 67 23.14 9.83 15.51
N ILE B 68 22.85 8.55 15.25
CA ILE B 68 22.15 7.75 16.25
C ILE B 68 22.97 7.67 17.54
N GLU B 69 24.26 7.33 17.40
CA GLU B 69 25.12 7.22 18.58
C GLU B 69 25.20 8.54 19.33
N ASN B 70 25.15 9.66 18.62
CA ASN B 70 25.24 10.98 19.24
C ASN B 70 23.87 11.58 19.57
N GLY B 71 22.80 10.80 19.39
CA GLY B 71 21.48 11.28 19.77
C GLY B 71 21.00 12.47 18.96
N GLU B 72 21.19 12.40 17.65
CA GLU B 72 20.78 13.46 16.73
C GLU B 72 19.84 12.92 15.67
N ASN B 73 18.88 13.77 15.25
CA ASN B 73 17.96 13.48 14.16
C ASN B 73 18.42 14.02 12.82
N GLY B 74 19.52 14.76 12.79
CA GLY B 74 20.01 15.37 11.58
C GLY B 74 21.27 16.15 11.88
N PRO B 75 21.81 16.84 10.89
CA PRO B 75 23.07 17.57 11.10
C PRO B 75 22.87 18.70 12.10
N LYS B 76 23.63 18.65 13.18
CA LYS B 76 23.55 19.67 14.24
C LYS B 76 22.14 19.77 14.82
N MET B 77 21.35 18.70 14.74
CA MET B 77 20.00 18.70 15.29
C MET B 77 19.91 17.59 16.34
N LYS B 78 19.96 18.01 17.60
CA LYS B 78 19.82 17.09 18.72
C LYS B 78 18.42 16.48 18.75
N ALA B 79 18.37 15.17 18.97
CA ALA B 79 17.11 14.48 19.21
C ALA B 79 16.78 14.56 20.69
N LYS B 80 15.55 14.14 21.02
CA LYS B 80 15.17 14.10 22.43
C LYS B 80 16.10 13.18 23.22
N ASN B 81 16.52 12.08 22.60
CA ASN B 81 17.42 11.11 23.19
C ASN B 81 17.83 10.15 22.08
N VAL B 82 18.76 9.25 22.38
CA VAL B 82 19.23 8.27 21.39
C VAL B 82 18.07 7.44 20.88
N GLY B 83 17.12 7.11 21.76
CA GLY B 83 15.98 6.31 21.32
C GLY B 83 15.18 6.98 20.21
N GLU B 84 14.97 8.28 20.33
CA GLU B 84 14.25 9.00 19.27
C GLU B 84 15.06 9.01 17.97
N ALA B 85 16.37 9.23 18.07
CA ALA B 85 17.21 9.20 16.88
C ALA B 85 17.10 7.86 16.17
N ARG B 86 17.18 6.76 16.95
CA ARG B 86 17.08 5.42 16.40
C ARG B 86 15.74 5.20 15.71
N ALA B 87 14.66 5.67 16.33
CA ALA B 87 13.32 5.46 15.78
C ALA B 87 13.16 6.15 14.42
N GLY B 88 13.70 7.34 14.27
CA GLY B 88 13.58 8.02 12.99
C GLY B 88 14.27 7.27 11.86
N ARG B 89 15.47 6.74 12.13
CA ARG B 89 16.18 5.98 11.10
C ARG B 89 15.54 4.62 10.85
N ALA B 90 15.00 4.01 11.90
CA ALA B 90 14.28 2.75 11.72
C ALA B 90 13.05 2.96 10.85
N LEU B 91 12.35 4.08 11.03
CA LEU B 91 11.18 4.36 10.19
C LEU B 91 11.60 4.61 8.75
N GLU B 92 12.67 5.40 8.55
CA GLU B 92 13.20 5.64 7.22
C GLU B 92 13.58 4.34 6.52
N ALA B 93 14.36 3.49 7.21
CA ALA B 93 14.82 2.26 6.57
C ALA B 93 13.65 1.36 6.22
N ALA B 94 12.68 1.24 7.12
CA ALA B 94 11.51 0.40 6.85
C ALA B 94 10.69 0.90 5.67
N GLY B 95 10.63 2.23 5.47
CA GLY B 95 9.79 2.78 4.42
C GLY B 95 10.16 2.26 3.05
N TRP B 96 11.43 1.93 2.85
CA TRP B 96 12.00 1.48 1.58
C TRP B 96 11.73 0.01 1.28
N THR B 97 10.88 -0.67 2.05
CA THR B 97 10.79 -2.13 1.96
C THR B 97 10.46 -2.62 0.55
N LEU B 98 9.59 -1.92 -0.18
CA LEU B 98 9.18 -2.36 -1.51
C LEU B 98 9.91 -1.60 -2.61
N ASP B 99 11.19 -1.29 -2.40
CA ASP B 99 11.96 -0.54 -3.37
C ASP B 99 13.36 -1.14 -3.47
N ILE B 100 13.86 -1.30 -4.70
CA ILE B 100 15.18 -1.88 -4.93
C ILE B 100 16.19 -0.76 -5.16
N ASN B 101 17.23 -0.73 -4.34
CA ASN B 101 18.43 0.11 -4.55
C ASN B 101 18.06 1.56 -4.83
N TYR B 102 17.10 2.08 -4.06
CA TYR B 102 16.74 3.49 -4.03
C TYR B 102 16.20 3.96 -5.39
N GLY B 103 15.03 3.42 -5.73
CA GLY B 103 14.30 3.99 -6.85
C GLY B 103 13.75 3.03 -7.88
N ASN B 104 14.06 1.73 -7.77
CA ASN B 104 13.53 0.73 -8.70
C ASN B 104 13.91 1.06 -10.15
N ILE B 105 15.13 1.54 -10.38
CA ILE B 105 15.41 2.04 -11.73
C ILE B 105 15.72 0.96 -12.76
N TYR B 106 16.20 -0.23 -12.36
CA TYR B 106 16.54 -1.26 -13.37
C TYR B 106 15.27 -1.72 -14.07
N PRO B 107 15.13 -1.51 -15.37
CA PRO B 107 13.89 -1.92 -16.03
C PRO B 107 13.84 -3.43 -16.20
N ASN B 108 12.64 -3.99 -16.03
CA ASN B 108 12.39 -5.42 -16.25
C ASN B 108 13.21 -6.28 -15.29
N ARG B 109 13.43 -5.77 -14.08
CA ARG B 109 14.08 -6.50 -13.00
C ARG B 109 13.25 -6.36 -11.73
N PHE B 110 13.30 -7.39 -10.88
CA PHE B 110 12.65 -7.38 -9.56
C PHE B 110 11.18 -6.98 -9.67
N PHE B 111 10.79 -5.83 -9.12
CA PHE B 111 9.37 -5.45 -9.17
C PHE B 111 8.95 -4.87 -10.52
N MET B 112 9.90 -4.39 -11.32
CA MET B 112 9.59 -3.59 -12.50
C MET B 112 9.50 -4.45 -13.76
N LEU B 113 8.76 -5.56 -13.68
CA LEU B 113 8.72 -6.48 -14.81
C LEU B 113 7.88 -5.89 -15.94
N TRP B 114 8.38 -6.03 -17.18
CA TRP B 114 7.69 -5.50 -18.35
C TRP B 114 6.59 -6.42 -18.85
N SER B 115 6.53 -7.66 -18.37
CA SER B 115 5.41 -8.56 -18.62
C SER B 115 4.90 -9.09 -17.29
N GLY B 116 3.62 -9.41 -17.24
CA GLY B 116 3.09 -10.00 -16.04
C GLY B 116 3.20 -11.50 -15.98
N GLU B 117 3.74 -12.14 -17.02
CA GLU B 117 3.57 -13.58 -17.18
C GLU B 117 4.13 -14.39 -16.02
N THR B 118 5.28 -13.98 -15.47
CA THR B 118 5.89 -14.79 -14.41
C THR B 118 5.42 -14.43 -13.00
N MET B 119 4.57 -13.41 -12.85
CA MET B 119 4.17 -12.99 -11.51
C MET B 119 3.25 -14.03 -10.87
N THR B 120 3.37 -14.18 -9.54
CA THR B 120 2.53 -15.15 -8.84
C THR B 120 1.05 -14.86 -9.06
N ASN B 121 0.67 -13.57 -9.06
CA ASN B 121 -0.74 -13.21 -9.23
C ASN B 121 -1.26 -13.60 -10.62
N THR B 122 -0.45 -13.38 -11.66
CA THR B 122 -0.84 -13.78 -13.01
C THR B 122 -1.02 -15.28 -13.12
N GLN B 123 -0.12 -16.06 -12.51
CA GLN B 123 -0.21 -17.51 -12.57
C GLN B 123 -1.47 -18.02 -11.86
N LEU B 124 -1.75 -17.45 -10.68
CA LEU B 124 -2.94 -17.83 -9.93
C LEU B 124 -4.21 -17.60 -10.73
N TRP B 125 -4.26 -16.49 -11.45
CA TRP B 125 -5.44 -16.08 -12.21
C TRP B 125 -5.45 -16.62 -13.62
N ALA B 126 -4.45 -17.39 -14.01
CA ALA B 126 -4.34 -17.85 -15.39
C ALA B 126 -5.60 -18.53 -15.93
N PRO B 127 -6.34 -19.36 -15.18
CA PRO B 127 -7.52 -20.00 -15.79
C PRO B 127 -8.57 -19.01 -16.27
N VAL B 128 -8.65 -17.81 -15.70
CA VAL B 128 -9.62 -16.82 -16.19
C VAL B 128 -9.20 -16.28 -17.55
N GLY B 129 -7.90 -16.23 -17.82
CA GLY B 129 -7.42 -15.79 -19.12
C GLY B 129 -7.53 -14.30 -19.39
N LEU B 130 -7.55 -13.47 -18.34
CA LEU B 130 -7.75 -12.04 -18.55
C LEU B 130 -6.58 -11.42 -19.31
N ASP B 131 -5.36 -11.91 -19.06
CA ASP B 131 -4.20 -11.36 -19.75
C ASP B 131 -4.03 -11.92 -21.16
N ARG B 132 -4.80 -12.93 -21.54
CA ARG B 132 -4.72 -13.44 -22.90
C ARG B 132 -5.92 -13.09 -23.76
N ARG B 133 -7.00 -12.64 -23.16
CA ARG B 133 -8.23 -12.29 -23.87
C ARG B 133 -8.08 -10.93 -24.53
N PRO B 134 -8.43 -10.78 -25.80
CA PRO B 134 -8.35 -9.46 -26.46
C PRO B 134 -9.17 -8.44 -25.69
N PRO B 135 -8.86 -7.16 -25.82
CA PRO B 135 -9.62 -6.14 -25.09
C PRO B 135 -11.11 -6.19 -25.44
N ASP B 136 -11.95 -6.01 -24.43
CA ASP B 136 -13.37 -5.84 -24.69
C ASP B 136 -13.76 -4.37 -24.82
N THR B 137 -12.84 -3.46 -24.52
CA THR B 137 -13.10 -2.02 -24.59
C THR B 137 -11.94 -1.38 -25.31
N THR B 138 -12.23 -0.69 -26.40
CA THR B 138 -11.22 0.06 -27.13
C THR B 138 -11.51 1.55 -27.14
N ASP B 139 -12.64 1.98 -26.60
CA ASP B 139 -13.04 3.38 -26.54
C ASP B 139 -12.15 4.14 -25.57
N PRO B 140 -11.34 5.10 -26.03
CA PRO B 140 -10.43 5.80 -25.10
C PRO B 140 -11.14 6.52 -23.97
N VAL B 141 -12.37 6.99 -24.17
CA VAL B 141 -13.10 7.68 -23.11
C VAL B 141 -13.38 6.73 -21.95
N GLU B 142 -13.99 5.57 -22.25
CA GLU B 142 -14.30 4.62 -21.19
C GLU B 142 -13.03 4.09 -20.56
N LEU B 143 -11.99 3.84 -21.36
CA LEU B 143 -10.75 3.31 -20.81
C LEU B 143 -10.10 4.32 -19.87
N THR B 144 -10.13 5.60 -20.25
CA THR B 144 -9.55 6.62 -19.38
C THR B 144 -10.27 6.66 -18.04
N ASN B 145 -11.59 6.54 -18.04
CA ASN B 145 -12.33 6.52 -16.77
C ASN B 145 -11.99 5.27 -15.96
N TYR B 146 -11.96 4.09 -16.60
CA TYR B 146 -11.61 2.86 -15.91
C TYR B 146 -10.22 2.93 -15.31
N VAL B 147 -9.21 3.33 -16.11
CA VAL B 147 -7.84 3.23 -15.62
C VAL B 147 -7.57 4.28 -14.55
N LYS B 148 -8.25 5.43 -14.62
CA LYS B 148 -8.06 6.43 -13.57
C LYS B 148 -8.71 6.00 -12.27
N PHE B 149 -9.88 5.35 -12.34
CA PHE B 149 -10.46 4.77 -11.15
C PHE B 149 -9.51 3.74 -10.53
N ALA B 150 -8.97 2.85 -11.37
CA ALA B 150 -8.01 1.88 -10.87
C ALA B 150 -6.79 2.55 -10.28
N ALA B 151 -6.34 3.66 -10.90
CA ALA B 151 -5.16 4.36 -10.41
C ALA B 151 -5.40 4.89 -8.99
N ARG B 152 -6.60 5.39 -8.71
CA ARG B 152 -6.89 5.87 -7.37
C ARG B 152 -6.94 4.70 -6.37
N MET B 153 -7.57 3.58 -6.75
CA MET B 153 -7.52 2.39 -5.90
C MET B 153 -6.09 1.99 -5.60
N ALA B 154 -5.19 2.15 -6.57
CA ALA B 154 -3.80 1.74 -6.44
C ALA B 154 -2.92 2.76 -5.71
N GLY B 155 -3.48 3.83 -5.18
CA GLY B 155 -2.72 4.69 -4.28
C GLY B 155 -2.29 6.02 -4.85
N ALA B 156 -2.67 6.35 -6.09
CA ALA B 156 -2.37 7.66 -6.62
C ALA B 156 -3.27 8.71 -5.99
N ASP B 157 -2.67 9.82 -5.57
CA ASP B 157 -3.44 10.99 -5.15
C ASP B 157 -3.75 11.90 -6.32
N LEU B 158 -2.90 11.90 -7.35
CA LEU B 158 -3.16 12.58 -8.61
C LEU B 158 -2.91 11.58 -9.73
N VAL B 159 -3.64 11.71 -10.83
CA VAL B 159 -3.35 10.88 -12.00
C VAL B 159 -3.63 11.68 -13.26
N GLY B 160 -2.73 11.57 -14.23
CA GLY B 160 -2.93 12.23 -15.51
C GLY B 160 -2.37 11.36 -16.63
N VAL B 161 -2.82 11.66 -17.85
CA VAL B 161 -2.43 10.93 -19.05
C VAL B 161 -1.85 11.90 -20.06
N ALA B 162 -0.74 11.49 -20.71
CA ALA B 162 -0.18 12.23 -21.82
C ALA B 162 0.19 11.25 -22.92
N ARG B 163 0.24 11.75 -24.16
CA ARG B 163 1.00 11.05 -25.19
C ARG B 163 2.45 10.93 -24.75
N LEU B 164 3.07 9.83 -25.14
CA LEU B 164 4.46 9.56 -24.76
C LEU B 164 5.38 10.41 -25.63
N ASN B 165 6.08 11.34 -25.01
CA ASN B 165 7.12 12.11 -25.68
C ASN B 165 8.45 11.37 -25.46
N ARG B 166 9.00 10.83 -26.54
CA ARG B 166 10.22 10.03 -26.39
C ARG B 166 11.44 10.85 -26.01
N ASN B 167 11.38 12.18 -26.13
CA ASN B 167 12.49 13.02 -25.70
C ASN B 167 12.84 12.82 -24.23
N TRP B 168 11.88 12.37 -23.42
CA TRP B 168 12.11 12.21 -21.99
C TRP B 168 12.39 10.77 -21.59
N VAL B 169 12.38 9.84 -22.55
CA VAL B 169 12.76 8.46 -22.27
C VAL B 169 14.28 8.39 -22.32
N TYR B 170 14.89 7.76 -21.32
CA TYR B 170 16.35 7.66 -21.30
C TYR B 170 16.83 6.97 -22.57
N SER B 171 17.93 7.47 -23.13
CA SER B 171 18.50 6.81 -24.30
C SER B 171 19.02 5.43 -23.94
N GLU B 172 19.60 5.30 -22.75
CA GLU B 172 20.12 4.05 -22.24
C GLU B 172 19.79 3.98 -20.76
N ALA B 173 19.36 2.81 -20.31
CA ALA B 173 18.99 2.61 -18.92
C ALA B 173 20.18 2.10 -18.12
N VAL B 174 20.14 2.34 -16.82
CA VAL B 174 21.01 1.65 -15.88
C VAL B 174 20.30 0.38 -15.43
N THR B 175 20.94 -0.76 -15.58
CA THR B 175 20.30 -2.02 -15.22
C THR B 175 21.38 -2.99 -14.76
N ILE B 176 21.01 -4.26 -14.61
CA ILE B 176 21.95 -5.33 -14.30
C ILE B 176 21.66 -6.49 -15.25
N PRO B 177 22.64 -7.37 -15.47
CA PRO B 177 22.35 -8.59 -16.23
C PRO B 177 21.26 -9.40 -15.55
N ALA B 178 20.48 -10.13 -16.37
CA ALA B 178 19.23 -10.72 -15.87
C ALA B 178 19.48 -11.79 -14.82
N ASP B 179 20.57 -12.52 -14.91
CA ASP B 179 20.86 -13.63 -14.00
C ASP B 179 21.74 -13.22 -12.83
N VAL B 180 22.04 -11.93 -12.68
CA VAL B 180 22.84 -11.48 -11.55
C VAL B 180 21.95 -11.43 -10.31
N PRO B 181 22.35 -12.04 -9.21
CA PRO B 181 21.52 -12.02 -8.00
C PRO B 181 21.62 -10.67 -7.31
N TYR B 182 20.57 -10.37 -6.53
CA TYR B 182 20.49 -9.07 -5.86
C TYR B 182 21.79 -8.72 -5.13
N GLU B 183 22.39 -9.70 -4.47
CA GLU B 183 23.59 -9.48 -3.66
C GLU B 183 24.73 -8.85 -4.45
N GLN B 184 24.78 -9.03 -5.76
CA GLN B 184 25.84 -8.46 -6.59
C GLN B 184 25.35 -7.31 -7.46
N SER B 185 24.11 -6.84 -7.26
CA SER B 185 23.50 -5.91 -8.21
C SER B 185 24.27 -4.59 -8.28
N LEU B 186 24.55 -3.98 -7.13
CA LEU B 186 25.23 -2.68 -7.14
C LEU B 186 26.58 -2.74 -7.83
N HIS B 187 27.27 -3.88 -7.76
CA HIS B 187 28.60 -4.03 -8.31
C HIS B 187 28.60 -4.38 -9.79
N LYS B 188 27.46 -4.76 -10.36
CA LYS B 188 27.39 -5.20 -11.74
C LYS B 188 26.38 -4.39 -12.54
N GLU B 189 26.20 -3.12 -12.19
CA GLU B 189 25.33 -2.27 -12.99
C GLU B 189 25.94 -2.03 -14.36
N ILE B 190 25.08 -2.01 -15.38
CA ILE B 190 25.47 -1.81 -16.76
C ILE B 190 24.52 -0.80 -17.39
N GLU B 191 24.89 -0.33 -18.58
CA GLU B 191 24.01 0.48 -19.40
C GLU B 191 23.40 -0.38 -20.50
N LYS B 192 22.15 -0.05 -20.86
CA LYS B 192 21.44 -0.80 -21.88
C LYS B 192 20.51 0.12 -22.66
N PRO B 193 20.59 0.13 -23.99
CA PRO B 193 19.76 1.03 -24.79
C PRO B 193 18.27 0.71 -24.66
N ILE B 194 17.46 1.77 -24.62
CA ILE B 194 16.00 1.67 -24.77
C ILE B 194 15.67 2.15 -26.18
N VAL B 195 15.06 1.26 -26.98
CA VAL B 195 14.78 1.55 -28.37
C VAL B 195 13.32 1.26 -28.66
N PHE B 196 12.79 1.93 -29.68
CA PHE B 196 11.41 1.77 -30.12
C PHE B 196 11.41 1.06 -31.47
N LYS B 197 10.65 -0.04 -31.56
CA LYS B 197 10.64 -0.84 -32.78
C LYS B 197 9.25 -1.39 -33.02
N ASP B 198 9.05 -1.90 -34.24
CA ASP B 198 7.76 -2.50 -34.62
C ASP B 198 7.73 -3.93 -34.12
N VAL B 199 7.29 -4.09 -32.87
CA VAL B 199 7.16 -5.41 -32.25
C VAL B 199 5.81 -5.43 -31.53
N PRO B 200 5.26 -6.63 -31.27
CA PRO B 200 3.93 -6.67 -30.64
C PRO B 200 3.91 -6.25 -29.18
N LEU B 201 4.95 -6.60 -28.43
CA LEU B 201 4.95 -6.52 -26.97
C LEU B 201 6.29 -5.98 -26.50
N PRO B 202 6.31 -5.28 -25.37
CA PRO B 202 7.61 -4.90 -24.78
C PRO B 202 8.44 -6.14 -24.56
N ILE B 203 9.74 -6.04 -24.88
CA ILE B 203 10.60 -7.22 -24.83
C ILE B 203 12.03 -6.77 -24.58
N GLU B 204 12.77 -7.58 -23.84
CA GLU B 204 14.18 -7.34 -23.59
C GLU B 204 15.01 -8.43 -24.24
N THR B 205 16.01 -8.02 -25.04
CA THR B 205 16.99 -8.93 -25.59
C THR B 205 18.30 -8.80 -24.82
N ASP B 206 19.30 -9.59 -25.18
CA ASP B 206 20.60 -9.42 -24.54
C ASP B 206 21.14 -8.01 -24.77
N ASP B 207 20.74 -7.37 -25.87
CA ASP B 207 21.32 -6.11 -26.27
C ASP B 207 20.45 -4.89 -26.00
N GLU B 208 19.13 -5.04 -25.95
CA GLU B 208 18.26 -3.87 -25.97
C GLU B 208 17.02 -4.10 -25.11
N LEU B 209 16.56 -3.01 -24.52
CA LEU B 209 15.21 -2.90 -23.97
C LEU B 209 14.33 -2.32 -25.07
N ILE B 210 13.35 -3.09 -25.54
CA ILE B 210 12.59 -2.72 -26.72
C ILE B 210 11.17 -2.36 -26.32
N ILE B 211 10.80 -1.11 -26.54
CA ILE B 211 9.43 -0.65 -26.33
C ILE B 211 8.72 -0.63 -27.68
N PRO B 212 7.51 -1.19 -27.79
CA PRO B 212 6.83 -1.19 -29.09
C PRO B 212 6.51 0.22 -29.57
N ASN B 213 6.54 0.39 -30.89
CA ASN B 213 6.09 1.66 -31.47
C ASN B 213 4.64 1.96 -31.16
N THR B 214 3.85 0.95 -30.80
CA THR B 214 2.45 1.18 -30.43
C THR B 214 2.29 1.75 -29.04
N CYS B 215 3.38 1.96 -28.30
CA CYS B 215 3.31 2.44 -26.91
C CYS B 215 3.02 3.94 -26.95
N GLU B 216 1.74 4.27 -27.02
CA GLU B 216 1.32 5.64 -27.37
C GLU B 216 1.30 6.58 -26.18
N ASN B 217 1.08 6.06 -24.97
CA ASN B 217 0.61 6.86 -23.84
C ASN B 217 1.45 6.61 -22.59
N VAL B 218 1.47 7.62 -21.72
CA VAL B 218 2.06 7.47 -20.40
C VAL B 218 1.03 7.94 -19.38
N ILE B 219 0.86 7.14 -18.33
CA ILE B 219 0.00 7.46 -17.21
C ILE B 219 0.90 7.89 -16.06
N VAL B 220 0.73 9.12 -15.54
CA VAL B 220 1.58 9.66 -14.50
C VAL B 220 0.77 9.76 -13.22
N ALA B 221 1.33 9.28 -12.11
CA ALA B 221 0.69 9.34 -10.80
C ALA B 221 1.46 10.23 -9.86
N GLY B 222 0.73 11.02 -9.08
CA GLY B 222 1.31 11.76 -7.96
C GLY B 222 0.96 11.05 -6.65
N ILE B 223 1.98 10.87 -5.82
CA ILE B 223 1.87 10.13 -4.56
C ILE B 223 2.29 11.10 -3.46
N ALA B 224 1.32 11.57 -2.68
CA ALA B 224 1.55 12.70 -1.80
C ALA B 224 2.37 12.31 -0.58
N MET B 225 3.37 13.15 -0.26
CA MET B 225 4.16 13.01 0.94
C MET B 225 3.49 13.73 2.11
N ASN B 226 3.96 13.46 3.33
CA ASN B 226 3.36 14.03 4.53
C ASN B 226 3.98 15.39 4.83
N ARG B 227 3.14 16.39 5.05
CA ARG B 227 3.64 17.76 5.15
C ARG B 227 4.45 17.97 6.44
N GLU B 228 3.92 17.52 7.58
CA GLU B 228 4.64 17.68 8.85
C GLU B 228 6.01 17.01 8.80
N MET B 229 6.09 15.83 8.20
CA MET B 229 7.36 15.13 8.14
C MET B 229 8.34 15.81 7.19
N MET B 230 7.88 16.22 6.00
CA MET B 230 8.78 16.92 5.08
C MET B 230 9.27 18.23 5.67
N GLN B 231 8.46 18.87 6.53
CA GLN B 231 8.89 20.12 7.16
C GLN B 231 10.10 19.93 8.06
N THR B 232 10.47 18.70 8.42
CA THR B 232 11.66 18.48 9.23
C THR B 232 12.93 18.37 8.40
N ALA B 233 12.84 18.52 7.08
CA ALA B 233 14.03 18.50 6.23
C ALA B 233 15.07 19.48 6.75
N PRO B 234 16.35 19.10 6.70
CA PRO B 234 16.93 17.88 6.12
C PRO B 234 17.05 16.70 7.09
N ASN B 235 16.20 16.65 8.11
CA ASN B 235 16.34 15.69 9.19
C ASN B 235 15.59 14.40 8.87
N SER B 236 15.63 13.45 9.81
CA SER B 236 15.30 12.06 9.48
C SER B 236 13.84 11.86 9.12
N MET B 237 12.91 12.62 9.68
CA MET B 237 11.52 12.33 9.38
C MET B 237 11.17 12.71 7.94
N ALA B 238 11.88 13.67 7.35
CA ALA B 238 11.67 13.94 5.92
C ALA B 238 12.15 12.75 5.09
N CYS B 239 13.25 12.11 5.52
CA CYS B 239 13.69 10.89 4.86
C CYS B 239 12.60 9.82 4.91
N ALA B 240 11.91 9.72 6.05
CA ALA B 240 10.95 8.64 6.23
C ALA B 240 9.73 8.80 5.32
N THR B 241 9.22 10.02 5.15
CA THR B 241 8.07 10.15 4.26
C THR B 241 8.49 9.94 2.80
N THR B 242 9.70 10.38 2.44
CA THR B 242 10.25 10.03 1.13
C THR B 242 10.26 8.52 0.91
N ALA B 243 10.79 7.78 1.89
CA ALA B 243 10.98 6.34 1.71
C ALA B 243 9.63 5.62 1.59
N PHE B 244 8.68 5.93 2.47
CA PHE B 244 7.39 5.25 2.39
C PHE B 244 6.72 5.51 1.04
N CYS B 245 6.84 6.72 0.50
CA CYS B 245 6.22 6.98 -0.79
C CYS B 245 6.90 6.22 -1.91
N TYR B 246 8.21 5.89 -1.81
CA TYR B 246 8.79 5.05 -2.85
C TYR B 246 8.16 3.67 -2.87
N SER B 247 7.87 3.10 -1.70
CA SER B 247 7.20 1.82 -1.69
C SER B 247 5.76 1.94 -2.19
N ARG B 248 5.09 3.06 -1.89
CA ARG B 248 3.77 3.31 -2.49
C ARG B 248 3.83 3.40 -4.01
N MET B 249 4.88 4.04 -4.53
CA MET B 249 5.09 4.08 -5.99
C MET B 249 5.18 2.71 -6.58
N CYS B 250 5.97 1.83 -5.96
CA CYS B 250 6.16 0.49 -6.51
C CYS B 250 4.85 -0.26 -6.54
N MET B 251 4.08 -0.20 -5.45
CA MET B 251 2.80 -0.89 -5.43
C MET B 251 1.84 -0.32 -6.46
N PHE B 252 1.82 1.01 -6.63
CA PHE B 252 1.00 1.61 -7.67
C PHE B 252 1.34 1.03 -9.04
N ASP B 253 2.64 1.02 -9.39
CA ASP B 253 3.05 0.53 -10.71
C ASP B 253 2.59 -0.90 -10.93
N MET B 254 2.77 -1.76 -9.94
CA MET B 254 2.43 -3.17 -10.11
C MET B 254 0.93 -3.35 -10.22
N TRP B 255 0.18 -2.72 -9.32
CA TRP B 255 -1.27 -2.80 -9.38
C TRP B 255 -1.79 -2.31 -10.73
N LEU B 256 -1.33 -1.14 -11.18
CA LEU B 256 -1.90 -0.56 -12.39
C LEU B 256 -1.48 -1.36 -13.62
N CYS B 257 -0.22 -1.79 -13.68
CA CYS B 257 0.22 -2.62 -14.80
C CYS B 257 -0.59 -3.90 -14.90
N GLN B 258 -0.85 -4.55 -13.77
CA GLN B 258 -1.68 -5.74 -13.81
C GLN B 258 -3.09 -5.42 -14.29
N PHE B 259 -3.69 -4.32 -13.81
CA PHE B 259 -5.02 -3.96 -14.29
C PHE B 259 -5.03 -3.78 -15.81
N ILE B 260 -4.05 -3.03 -16.32
CA ILE B 260 -3.96 -2.78 -17.77
C ILE B 260 -3.79 -4.09 -18.54
N ARG B 261 -2.92 -4.98 -18.04
CA ARG B 261 -2.72 -6.28 -18.68
C ARG B 261 -4.01 -7.09 -18.68
N TYR B 262 -4.73 -7.10 -17.56
CA TYR B 262 -5.97 -7.86 -17.47
C TYR B 262 -7.10 -7.23 -18.29
N MET B 263 -6.95 -5.98 -18.73
CA MET B 263 -7.85 -5.36 -19.68
C MET B 263 -7.52 -5.70 -21.13
N GLY B 264 -6.43 -6.42 -21.37
CA GLY B 264 -6.06 -6.81 -22.71
C GLY B 264 -4.96 -5.99 -23.37
N TYR B 265 -4.26 -5.15 -22.61
CA TYR B 265 -3.20 -4.28 -23.15
C TYR B 265 -1.88 -4.64 -22.49
N TYR B 266 -0.80 -4.00 -22.92
CA TYR B 266 0.46 -4.17 -22.21
C TYR B 266 0.76 -2.92 -21.40
N ALA B 267 1.70 -3.05 -20.46
CA ALA B 267 1.98 -1.98 -19.53
C ALA B 267 3.41 -2.12 -19.04
N ILE B 268 4.14 -1.02 -19.05
CA ILE B 268 5.54 -0.98 -18.62
C ILE B 268 5.62 -0.13 -17.36
N PRO B 269 5.99 -0.69 -16.21
CA PRO B 269 6.17 0.11 -14.99
C PRO B 269 7.50 0.84 -15.04
N SER B 270 7.70 1.75 -14.10
CA SER B 270 9.02 2.41 -14.13
C SER B 270 9.54 2.99 -12.81
N CYS B 271 8.66 3.47 -11.91
CA CYS B 271 9.15 4.21 -10.74
C CYS B 271 10.19 5.25 -11.17
N ASN B 272 11.43 5.23 -10.64
CA ASN B 272 12.39 6.26 -11.02
C ASN B 272 13.15 5.94 -12.31
N GLY B 273 12.89 4.80 -12.94
CA GLY B 273 13.59 4.44 -14.15
C GLY B 273 12.89 4.88 -15.42
N VAL B 274 13.47 4.47 -16.56
CA VAL B 274 12.94 4.54 -17.92
C VAL B 274 12.91 5.96 -18.50
N GLY B 275 12.38 6.92 -17.74
CA GLY B 275 12.36 8.28 -18.24
C GLY B 275 12.21 9.31 -17.13
N GLN B 276 12.18 10.58 -17.54
CA GLN B 276 12.22 11.71 -16.63
C GLN B 276 10.80 12.05 -16.19
N SER B 277 10.49 11.76 -14.93
CA SER B 277 9.13 11.87 -14.42
C SER B 277 8.60 13.29 -14.46
N VAL B 278 9.44 14.28 -14.15
CA VAL B 278 8.93 15.65 -14.08
C VAL B 278 8.39 16.08 -15.45
N ALA B 279 9.13 15.76 -16.52
CA ALA B 279 8.66 16.12 -17.85
C ALA B 279 7.32 15.45 -18.17
N PHE B 280 7.20 14.15 -17.89
CA PHE B 280 5.94 13.46 -18.10
C PHE B 280 4.81 14.08 -17.28
N ALA B 281 5.09 14.43 -16.02
CA ALA B 281 4.06 14.98 -15.16
C ALA B 281 3.56 16.33 -15.67
N VAL B 282 4.46 17.14 -16.21
CA VAL B 282 4.04 18.44 -16.76
C VAL B 282 3.19 18.24 -18.00
N GLU B 283 3.61 17.34 -18.89
CA GLU B 283 2.84 17.09 -20.10
C GLU B 283 1.48 16.46 -19.81
N ALA B 284 1.36 15.74 -18.68
CA ALA B 284 0.11 15.12 -18.29
C ALA B 284 -0.77 16.02 -17.42
N GLY B 285 -0.34 17.25 -17.17
CA GLY B 285 -1.19 18.21 -16.47
C GLY B 285 -1.21 18.10 -14.97
N LEU B 286 -0.30 17.34 -14.35
CA LEU B 286 -0.27 17.28 -12.89
C LEU B 286 0.16 18.62 -12.29
N GLY B 287 1.08 19.31 -12.93
CA GLY B 287 1.58 20.55 -12.39
C GLY B 287 2.47 21.25 -13.37
N GLN B 288 3.24 22.21 -12.86
CA GLN B 288 4.19 22.98 -13.65
C GLN B 288 5.60 22.81 -13.10
N ALA B 289 6.58 22.88 -14.00
CA ALA B 289 7.97 22.85 -13.59
C ALA B 289 8.33 24.13 -12.85
N SER B 290 9.37 24.04 -12.01
CA SER B 290 9.67 25.08 -11.05
C SER B 290 11.17 25.36 -11.03
N ARG B 291 11.56 26.41 -10.28
CA ARG B 291 12.96 26.77 -10.15
C ARG B 291 13.79 25.61 -9.60
N MET B 292 13.30 24.95 -8.55
CA MET B 292 14.02 23.84 -7.94
C MET B 292 14.14 22.63 -8.86
N GLY B 293 13.34 22.58 -9.93
CA GLY B 293 13.37 21.48 -10.86
C GLY B 293 12.22 20.49 -10.70
N ALA B 294 11.41 20.64 -9.68
CA ALA B 294 10.33 19.72 -9.37
C ALA B 294 9.04 20.14 -10.08
N CYS B 295 8.13 19.17 -10.24
CA CYS B 295 6.79 19.47 -10.71
C CYS B 295 5.97 19.97 -9.52
N ILE B 296 5.50 21.22 -9.59
CA ILE B 296 4.70 21.80 -8.53
C ILE B 296 3.23 21.62 -8.89
N THR B 297 2.47 20.97 -7.98
CA THR B 297 1.05 20.68 -8.16
C THR B 297 0.21 21.67 -7.37
N PRO B 298 -1.01 21.95 -7.81
CA PRO B 298 -1.87 22.84 -7.01
C PRO B 298 -2.23 22.23 -5.66
N GLU B 299 -2.40 20.92 -5.58
CA GLU B 299 -2.85 20.28 -4.35
C GLU B 299 -1.74 20.17 -3.31
N PHE B 300 -0.51 19.87 -3.74
CA PHE B 300 0.56 19.54 -2.83
C PHE B 300 1.82 20.37 -3.01
N GLY B 301 1.82 21.31 -3.95
CA GLY B 301 3.06 21.92 -4.38
C GLY B 301 4.00 20.84 -4.88
N PRO B 302 5.29 21.00 -4.62
CA PRO B 302 6.27 19.96 -5.00
C PRO B 302 6.36 18.80 -4.02
N ASN B 303 5.54 18.79 -2.97
CA ASN B 303 5.68 17.78 -1.92
C ASN B 303 4.88 16.53 -2.28
N VAL B 304 5.28 15.92 -3.39
CA VAL B 304 4.54 14.82 -3.97
C VAL B 304 5.54 14.04 -4.83
N ARG B 305 5.47 12.73 -4.74
CA ARG B 305 6.34 11.90 -5.55
C ARG B 305 5.63 11.51 -6.84
N LEU B 306 6.42 11.14 -7.84
CA LEU B 306 5.91 10.81 -9.16
C LEU B 306 6.30 9.39 -9.55
N THR B 307 5.38 8.70 -10.21
CA THR B 307 5.73 7.48 -10.92
C THR B 307 4.90 7.44 -12.20
N LYS B 308 5.20 6.49 -13.07
CA LYS B 308 4.52 6.51 -14.36
C LYS B 308 4.53 5.12 -14.97
N VAL B 309 3.54 4.88 -15.82
CA VAL B 309 3.32 3.60 -16.50
C VAL B 309 3.09 3.90 -17.98
N PHE B 310 3.73 3.13 -18.86
CA PHE B 310 3.63 3.30 -20.30
C PHE B 310 2.75 2.20 -20.89
N THR B 311 1.88 2.56 -21.83
CA THR B 311 0.91 1.59 -22.32
C THR B 311 0.43 1.93 -23.72
N ASN B 312 0.02 0.89 -24.45
CA ASN B 312 -0.71 1.04 -25.72
C ASN B 312 -2.22 1.17 -25.51
N MET B 313 -2.70 1.10 -24.27
CA MET B 313 -4.12 1.29 -24.00
C MET B 313 -4.60 2.64 -24.56
N PRO B 314 -5.62 2.65 -25.41
CA PRO B 314 -6.15 3.94 -25.91
C PRO B 314 -6.67 4.78 -24.76
N LEU B 315 -6.28 6.06 -24.74
CA LEU B 315 -6.62 6.96 -23.65
C LEU B 315 -6.84 8.36 -24.20
N VAL B 316 -7.49 9.20 -23.39
CA VAL B 316 -7.68 10.61 -23.70
C VAL B 316 -6.63 11.40 -22.95
N PRO B 317 -5.73 12.10 -23.64
CA PRO B 317 -4.72 12.89 -22.93
C PRO B 317 -5.35 14.04 -22.16
N ASP B 318 -4.79 14.32 -20.99
CA ASP B 318 -5.20 15.46 -20.20
C ASP B 318 -4.56 16.74 -20.74
N LYS B 319 -5.17 17.90 -20.36
CA LYS B 319 -4.54 19.14 -20.81
C LYS B 319 -3.47 19.57 -19.82
N PRO B 320 -2.38 20.16 -20.30
CA PRO B 320 -1.43 20.82 -19.39
C PRO B 320 -2.13 21.96 -18.65
N ILE B 321 -1.57 22.33 -17.51
CA ILE B 321 -2.17 23.37 -16.67
C ILE B 321 -1.17 24.49 -16.48
N ASP B 322 -1.70 25.70 -16.32
CA ASP B 322 -0.89 26.89 -16.07
C ASP B 322 -1.60 27.65 -14.96
N PHE B 323 -1.10 27.54 -13.74
CA PHE B 323 -1.61 28.35 -12.65
C PHE B 323 -0.57 29.34 -12.14
N GLY B 324 0.34 29.75 -13.02
CA GLY B 324 1.24 30.87 -12.74
C GLY B 324 2.54 30.51 -12.04
N VAL B 325 2.94 29.24 -12.04
CA VAL B 325 4.14 28.83 -11.33
C VAL B 325 5.38 29.51 -11.91
N THR B 326 5.48 29.54 -13.24
CA THR B 326 6.68 30.09 -13.87
C THR B 326 6.90 31.54 -13.45
N GLU B 327 5.83 32.34 -13.48
CA GLU B 327 5.94 33.75 -13.09
C GLU B 327 6.23 33.91 -11.60
N PHE B 328 5.73 32.98 -10.78
CA PHE B 328 6.01 33.05 -9.35
C PHE B 328 7.47 32.72 -9.05
N CYS B 329 7.98 31.64 -9.62
CA CYS B 329 9.38 31.28 -9.40
C CYS B 329 10.34 32.30 -9.98
N GLU B 330 9.90 33.08 -10.97
CA GLU B 330 10.78 34.09 -11.53
C GLU B 330 11.16 35.12 -10.47
N THR B 331 10.25 35.43 -9.56
CA THR B 331 10.52 36.44 -8.54
C THR B 331 10.83 35.87 -7.16
N CYS B 332 10.53 34.60 -6.90
CA CYS B 332 10.56 34.08 -5.53
C CYS B 332 11.97 33.80 -5.04
N LYS B 333 12.65 32.82 -5.65
CA LYS B 333 14.03 32.42 -5.35
C LYS B 333 14.21 31.85 -3.92
N LYS B 334 13.14 31.50 -3.22
CA LYS B 334 13.28 31.07 -1.82
C LYS B 334 14.05 29.76 -1.69
N CYS B 335 13.72 28.78 -2.53
CA CYS B 335 14.45 27.52 -2.49
C CYS B 335 15.94 27.75 -2.75
N ALA B 336 16.27 28.64 -3.69
CA ALA B 336 17.67 28.90 -4.02
C ALA B 336 18.41 29.54 -2.84
N ARG B 337 17.75 30.40 -2.07
CA ARG B 337 18.43 31.03 -0.95
C ARG B 337 18.58 30.09 0.25
N GLU B 338 17.66 29.12 0.40
CA GLU B 338 17.69 28.22 1.54
C GLU B 338 18.46 26.94 1.26
N CYS B 339 18.75 26.63 0.01
CA CYS B 339 19.43 25.39 -0.36
C CYS B 339 20.77 25.31 0.36
N PRO B 340 21.01 24.27 1.18
CA PRO B 340 22.27 24.19 1.91
C PRO B 340 23.49 24.00 1.01
N SER B 341 23.31 23.65 -0.26
CA SER B 341 24.42 23.37 -1.15
C SER B 341 24.59 24.41 -2.25
N LYS B 342 23.71 25.42 -2.30
CA LYS B 342 23.67 26.39 -3.40
C LYS B 342 23.60 25.70 -4.76
N ALA B 343 22.86 24.58 -4.80
CA ALA B 343 22.64 23.84 -6.03
C ALA B 343 21.66 24.53 -6.96
N ILE B 344 20.71 25.29 -6.42
CA ILE B 344 19.61 25.83 -7.19
C ILE B 344 19.98 27.23 -7.67
N THR B 345 19.84 27.46 -8.98
CA THR B 345 20.20 28.74 -9.57
C THR B 345 19.25 29.85 -9.14
N GLU B 346 19.78 31.06 -9.06
CA GLU B 346 18.94 32.25 -8.95
C GLU B 346 18.75 32.96 -10.27
N GLY B 347 19.27 32.39 -11.36
CA GLY B 347 19.24 33.05 -12.65
C GLY B 347 18.04 32.66 -13.48
N PRO B 348 18.02 33.09 -14.73
CA PRO B 348 16.90 32.78 -15.61
C PRO B 348 17.03 31.39 -16.21
N ARG B 349 15.95 30.95 -16.84
CA ARG B 349 15.97 29.68 -17.53
C ARG B 349 16.78 29.78 -18.81
N THR B 350 17.46 28.68 -19.16
CA THR B 350 18.26 28.59 -20.38
C THR B 350 18.09 27.20 -20.99
N PHE B 351 18.63 27.03 -22.19
CA PHE B 351 18.67 25.74 -22.87
C PHE B 351 19.97 24.99 -22.65
N GLU B 352 20.86 25.52 -21.81
CA GLU B 352 22.21 24.99 -21.68
C GLU B 352 22.39 24.42 -20.28
N GLY B 353 22.64 23.11 -20.21
CA GLY B 353 22.82 22.47 -18.92
C GLY B 353 24.06 22.98 -18.20
N ARG B 354 24.01 22.95 -16.88
CA ARG B 354 25.18 23.40 -16.12
C ARG B 354 26.28 22.35 -16.07
N SER B 355 25.93 21.07 -16.17
CA SER B 355 26.92 20.01 -16.15
C SER B 355 26.34 18.80 -16.86
N ILE B 356 27.11 17.70 -16.84
CA ILE B 356 26.69 16.44 -17.45
C ILE B 356 25.35 15.97 -16.89
N HIS B 357 24.99 16.36 -15.67
CA HIS B 357 23.78 15.84 -15.04
C HIS B 357 22.50 16.45 -15.61
N ASN B 358 22.58 17.54 -16.35
CA ASN B 358 21.43 18.17 -16.97
C ASN B 358 21.28 17.75 -18.43
N GLN B 359 20.02 17.64 -18.88
CA GLN B 359 19.74 17.45 -20.30
C GLN B 359 19.65 18.82 -20.97
N SER B 360 20.61 19.13 -21.83
CA SER B 360 20.55 20.36 -22.59
C SER B 360 19.48 20.28 -23.67
N GLY B 361 19.02 21.45 -24.11
CA GLY B 361 18.07 21.53 -25.20
C GLY B 361 16.63 21.81 -24.80
N LYS B 362 16.36 21.94 -23.51
CA LYS B 362 15.02 22.28 -23.04
C LYS B 362 15.10 23.47 -22.12
N LEU B 363 14.12 24.36 -22.22
CA LEU B 363 14.12 25.61 -21.48
C LEU B 363 13.72 25.34 -20.03
N GLN B 364 14.69 25.41 -19.12
CA GLN B 364 14.44 25.09 -17.72
C GLN B 364 15.42 25.84 -16.84
N TRP B 365 15.11 25.90 -15.56
CA TRP B 365 16.08 26.39 -14.58
C TRP B 365 17.16 25.33 -14.40
N GLN B 366 18.41 25.72 -14.63
CA GLN B 366 19.53 24.78 -14.65
C GLN B 366 20.16 24.71 -13.28
N ASN B 367 20.09 23.54 -12.64
CA ASN B 367 20.60 23.36 -11.29
C ASN B 367 21.82 22.45 -11.28
N ASP B 368 22.70 22.66 -10.30
CA ASP B 368 23.91 21.85 -10.16
C ASP B 368 23.59 20.68 -9.24
N TYR B 369 23.33 19.53 -9.81
CA TYR B 369 22.85 18.41 -9.03
C TYR B 369 23.95 17.59 -8.38
N ASN B 370 25.21 17.80 -8.75
CA ASN B 370 26.30 17.23 -7.95
C ASN B 370 26.46 17.99 -6.63
N LYS B 371 26.19 19.29 -6.64
CA LYS B 371 26.20 20.05 -5.39
C LYS B 371 25.10 19.55 -4.45
N CYS B 372 23.91 19.29 -4.99
CA CYS B 372 22.83 18.73 -4.18
C CYS B 372 23.25 17.40 -3.55
N LEU B 373 23.71 16.45 -4.37
CA LEU B 373 24.04 15.13 -3.81
C LEU B 373 25.14 15.21 -2.77
N GLY B 374 26.10 16.13 -2.94
CA GLY B 374 27.17 16.28 -1.98
C GLY B 374 26.67 16.58 -0.58
N TYR B 375 25.50 17.18 -0.47
CA TYR B 375 24.99 17.48 0.87
C TYR B 375 24.38 16.26 1.55
N TRP B 376 24.09 15.19 0.80
CA TRP B 376 23.39 14.06 1.41
C TRP B 376 24.30 13.27 2.35
N PRO B 377 25.54 12.91 1.99
CA PRO B 377 26.41 12.28 3.00
C PRO B 377 26.70 13.20 4.16
N GLU B 378 26.83 14.51 3.93
N GLU B 378 26.83 14.50 3.91
CA GLU B 378 27.12 15.43 5.02
CA GLU B 378 27.10 15.46 4.97
C GLU B 378 25.96 15.50 6.01
C GLU B 378 25.97 15.48 5.99
N SER B 379 24.72 15.41 5.52
CA SER B 379 23.55 15.53 6.39
C SER B 379 22.97 14.18 6.79
N GLY B 380 23.41 13.08 6.18
CA GLY B 380 22.88 11.78 6.54
C GLY B 380 21.44 11.54 6.10
N GLY B 381 20.98 12.23 5.07
CA GLY B 381 19.61 12.09 4.65
C GLY B 381 19.40 12.43 3.18
N TYR B 382 18.17 12.74 2.78
CA TYR B 382 17.85 13.09 1.41
C TYR B 382 17.46 14.55 1.28
N CYS B 383 17.91 15.39 2.22
CA CYS B 383 17.61 16.82 2.30
C CYS B 383 16.12 17.07 2.09
N GLY B 384 15.76 17.71 1.00
CA GLY B 384 14.38 18.14 0.80
C GLY B 384 14.06 19.53 1.30
N VAL B 385 15.07 20.31 1.71
CA VAL B 385 14.81 21.64 2.24
C VAL B 385 14.07 22.49 1.22
N CYS B 386 14.43 22.33 -0.06
CA CYS B 386 13.75 23.10 -1.11
C CYS B 386 12.26 22.81 -1.13
N VAL B 387 11.88 21.53 -1.10
CA VAL B 387 10.47 21.17 -1.04
C VAL B 387 9.84 21.77 0.22
N ALA B 388 10.54 21.70 1.34
CA ALA B 388 9.96 22.14 2.61
C ALA B 388 9.67 23.65 2.60
N VAL B 389 10.55 24.46 2.01
CA VAL B 389 10.39 25.91 2.11
C VAL B 389 9.53 26.50 1.01
N CYS B 390 9.21 25.75 -0.03
CA CYS B 390 8.47 26.29 -1.17
C CYS B 390 7.09 26.76 -0.70
N PRO B 391 6.70 28.01 -1.00
CA PRO B 391 5.34 28.46 -0.66
C PRO B 391 4.23 27.54 -1.16
N PHE B 392 4.42 26.86 -2.29
CA PHE B 392 3.36 26.00 -2.81
C PHE B 392 3.15 24.75 -1.94
N THR B 393 4.16 24.37 -1.14
CA THR B 393 4.02 23.21 -0.26
C THR B 393 3.01 23.47 0.86
N LYS B 394 2.82 24.73 1.23
CA LYS B 394 1.89 25.04 2.33
C LYS B 394 0.42 25.03 1.90
N ASN B 431 9.44 20.57 15.94
CA ASN B 431 10.58 19.68 15.96
C ASN B 431 10.12 18.24 15.82
N ILE B 432 11.08 17.31 15.80
CA ILE B 432 10.72 15.94 15.45
C ILE B 432 9.95 15.25 16.58
N THR B 433 10.21 15.59 17.85
CA THR B 433 9.42 15.01 18.92
C THR B 433 7.94 15.35 18.73
N GLU B 434 7.66 16.61 18.40
CA GLU B 434 6.28 17.02 18.16
C GLU B 434 5.67 16.29 16.97
N VAL B 435 6.47 15.91 15.97
CA VAL B 435 5.94 15.16 14.85
C VAL B 435 5.52 13.76 15.31
N TRP B 436 6.40 13.06 16.03
CA TRP B 436 6.07 11.74 16.55
C TRP B 436 4.87 11.77 17.51
N ASP B 437 4.68 12.87 18.22
CA ASP B 437 3.59 12.99 19.17
C ASP B 437 2.35 13.64 18.56
N GLY B 438 2.39 13.98 17.27
CA GLY B 438 1.39 14.83 16.68
C GLY B 438 0.47 14.11 15.72
N LYS B 439 -0.15 14.89 14.85
CA LYS B 439 -1.17 14.40 13.93
C LYS B 439 -0.60 13.41 12.91
N ILE B 440 -1.32 12.31 12.70
CA ILE B 440 -1.02 11.38 11.61
C ILE B 440 -2.33 10.70 11.23
N ASN B 441 -2.34 10.13 10.02
CA ASN B 441 -3.53 9.43 9.52
C ASN B 441 -2.99 8.45 8.49
N THR B 442 -3.90 7.71 7.85
CA THR B 442 -3.49 6.56 7.06
C THR B 442 -2.61 6.99 5.89
N TYR B 443 -1.47 6.30 5.73
CA TYR B 443 -0.45 6.60 4.73
C TYR B 443 0.11 8.00 4.86
N GLY B 444 -0.06 8.65 6.02
CA GLY B 444 0.40 10.02 6.14
C GLY B 444 -0.46 11.06 5.46
N LEU B 445 -1.62 10.67 4.95
CA LEU B 445 -2.54 11.63 4.33
C LEU B 445 -3.22 12.47 5.41
N ASP B 446 -3.71 13.65 5.01
CA ASP B 446 -4.24 14.64 5.93
C ASP B 446 -5.71 14.84 5.62
N ALA B 447 -6.57 14.51 6.58
CA ALA B 447 -8.00 14.64 6.37
C ALA B 447 -8.43 16.09 6.20
N ASP B 448 -7.63 17.06 6.65
CA ASP B 448 -7.94 18.46 6.42
C ASP B 448 -7.93 18.83 4.94
N HIS B 449 -7.23 18.06 4.11
CA HIS B 449 -7.07 18.36 2.70
C HIS B 449 -7.54 17.25 1.77
N PHE B 450 -7.79 16.04 2.30
CA PHE B 450 -8.05 14.87 1.47
C PHE B 450 -9.25 15.05 0.54
N ARG B 451 -10.21 15.91 0.91
CA ARG B 451 -11.32 16.17 0.00
C ARG B 451 -10.87 16.71 -1.34
N ASP B 452 -9.72 17.39 -1.39
CA ASP B 452 -9.28 18.00 -2.63
C ASP B 452 -8.92 16.98 -3.71
N THR B 453 -8.71 15.71 -3.36
CA THR B 453 -8.43 14.71 -4.38
C THR B 453 -9.59 13.76 -4.62
N VAL B 454 -10.80 14.11 -4.16
CA VAL B 454 -11.97 13.33 -4.52
C VAL B 454 -12.16 13.39 -6.04
N SER B 455 -12.73 12.33 -6.60
CA SER B 455 -12.84 12.21 -8.04
C SER B 455 -14.15 11.57 -8.44
N PHE B 456 -14.84 12.19 -9.40
CA PHE B 456 -16.01 11.66 -10.08
C PHE B 456 -15.66 11.54 -11.55
N ARG B 457 -16.53 10.88 -12.32
CA ARG B 457 -16.27 10.69 -13.75
C ARG B 457 -15.96 12.02 -14.43
N LYS B 458 -16.71 13.07 -14.11
CA LYS B 458 -16.56 14.34 -14.82
C LYS B 458 -15.13 14.88 -14.76
N ASP B 459 -14.39 14.57 -13.71
CA ASP B 459 -13.02 15.04 -13.60
C ASP B 459 -12.00 13.98 -13.99
N ARG B 460 -12.45 12.76 -14.32
CA ARG B 460 -11.57 11.75 -14.87
C ARG B 460 -11.47 11.81 -16.39
N VAL B 461 -12.58 12.10 -17.06
CA VAL B 461 -12.52 12.23 -18.52
C VAL B 461 -13.59 13.17 -19.04
#